data_5W11
#
_entry.id   5W11
#
_cell.length_a   61.619
_cell.length_b   93.261
_cell.length_c   69.679
_cell.angle_alpha   90.000
_cell.angle_beta   100.460
_cell.angle_gamma   90.000
#
_symmetry.space_group_name_H-M   'P 1 21 1'
#
loop_
_entity.id
_entity.type
_entity.pdbx_description
1 polymer Glucanase
2 branched alpha-D-mannopyranose-(1-4)-2-acetamido-2-deoxy-beta-D-glucopyranose-(1-4)-2-acetamido-2-deoxy-beta-D-glucopyranose
3 branched beta-D-glucopyranose-(1-4)-beta-D-glucopyranose-(1-4)-alpha-D-glucopyranose
4 non-polymer alpha-D-mannopyranose
5 non-polymer TRIS-HYDROXYMETHYL-METHYL-AMMONIUM
6 water water
#
_entity_poly.entity_id   1
_entity_poly.type   'polypeptide(L)'
_entity_poly.pdbx_seq_one_letter_code
;(PCA)NACTLTAENHPSLTWSKCTSGGSCTSVQGSITIDANWRWTHRTDSATNCYEGNKWDTSYCSDGPSCASKCCIDGA
DYSSTYGITTSGNSLNLKFVTKGQYSTNIGSRTYLMESDTKYQMFQLLGNEFTFDVDVSNLGCGLNGALYFVSMDADGGM
SKYSGNKAGAKYGTGYCDSQCPRDLKFINGEANVENWQSSTNDANAGTGKYGSCCSEMDVWEANNMAAAFTPHPCTVIGQ
SRCEGDSCGGTYSTDRYAGICDPDGCDFNSYRQGNKTFYGKGMTVDTTKKITVVTQFLKNSAGELSEIKRFYVQNGKVIP
NSESTIPGVEGNSITQDWCDRQKAAFGDVTDFQDKGGMVQMGKALAGPMVLVMSIWDDHAVNMLWLDSTWPIDGAGKPGA
ERGACPTTSGVPAEVEAEAPNSNVIFSNIRFGPIGSTVSGLPDG
;
_entity_poly.pdbx_strand_id   A,B
#
# COMPACT_ATOMS: atom_id res chain seq x y z
N ASN A 2 31.83 24.56 -12.14
CA ASN A 2 32.75 24.44 -11.01
C ASN A 2 32.02 23.78 -9.86
N ALA A 3 32.78 23.44 -8.82
CA ALA A 3 32.23 22.93 -7.57
C ALA A 3 32.47 23.95 -6.47
N CYS A 4 31.44 24.21 -5.66
CA CYS A 4 31.55 25.09 -4.50
C CYS A 4 31.27 24.29 -3.23
N THR A 5 31.60 24.92 -2.11
CA THR A 5 31.60 24.22 -0.83
C THR A 5 30.98 25.06 0.27
N LEU A 6 30.02 25.92 -0.05
CA LEU A 6 29.20 26.54 0.99
C LEU A 6 28.46 25.49 1.79
N THR A 7 28.18 24.32 1.19
CA THR A 7 27.60 23.19 1.89
C THR A 7 28.49 21.98 1.71
N ALA A 8 28.89 21.37 2.83
CA ALA A 8 29.69 20.15 2.73
C ALA A 8 28.95 19.11 1.91
N GLU A 9 29.70 18.37 1.08
CA GLU A 9 29.17 17.28 0.30
C GLU A 9 29.65 15.96 0.89
N ASN A 10 28.74 15.24 1.58
CA ASN A 10 29.04 13.94 2.18
C ASN A 10 28.07 12.91 1.61
N HIS A 11 28.59 12.04 0.75
CA HIS A 11 27.76 11.03 0.12
C HIS A 11 27.23 10.05 1.17
N PRO A 12 25.92 9.84 1.25
CA PRO A 12 25.42 8.80 2.16
C PRO A 12 25.97 7.43 1.78
N SER A 13 26.31 6.64 2.78
CA SER A 13 27.01 5.40 2.49
C SER A 13 26.04 4.31 2.09
N LEU A 14 26.53 3.36 1.34
CA LEU A 14 25.66 2.32 0.81
C LEU A 14 26.52 1.13 0.47
N THR A 15 26.32 0.02 1.15
CA THR A 15 27.05 -1.18 0.82
C THR A 15 26.33 -1.95 -0.26
N TRP A 16 27.10 -2.73 -1.02
CA TRP A 16 26.53 -3.66 -1.98
C TRP A 16 27.43 -4.89 -2.04
N SER A 17 27.01 -5.88 -2.83
CA SER A 17 27.64 -7.19 -2.81
C SER A 17 28.12 -7.57 -4.20
N LYS A 18 29.40 -7.94 -4.29
CA LYS A 18 30.00 -8.52 -5.48
C LYS A 18 30.05 -10.02 -5.27
N CYS A 19 29.47 -10.79 -6.20
CA CYS A 19 29.27 -12.21 -6.01
C CYS A 19 30.09 -12.99 -7.02
N THR A 20 30.55 -14.17 -6.61
CA THR A 20 31.33 -15.03 -7.48
C THR A 20 30.56 -16.29 -7.82
N SER A 21 31.00 -16.95 -8.90
CA SER A 21 30.45 -18.24 -9.26
C SER A 21 30.58 -19.19 -8.09
N GLY A 22 29.44 -19.76 -7.66
CA GLY A 22 29.38 -20.57 -6.46
C GLY A 22 28.51 -19.98 -5.36
N GLY A 23 28.19 -18.68 -5.45
CA GLY A 23 27.29 -18.02 -4.53
C GLY A 23 27.93 -17.24 -3.41
N SER A 24 29.27 -17.21 -3.35
CA SER A 24 29.96 -16.37 -2.39
C SER A 24 29.92 -14.90 -2.80
N CYS A 25 29.56 -14.03 -1.88
CA CYS A 25 29.43 -12.60 -2.15
C CYS A 25 30.27 -11.82 -1.14
N THR A 26 30.91 -10.77 -1.63
CA THR A 26 31.75 -9.91 -0.80
C THR A 26 31.12 -8.54 -0.66
N SER A 27 31.15 -8.02 0.58
CA SER A 27 30.64 -6.68 0.85
C SER A 27 31.56 -5.62 0.26
N VAL A 28 30.98 -4.67 -0.47
CA VAL A 28 31.70 -3.51 -1.01
C VAL A 28 31.13 -2.27 -0.35
N GLN A 29 32.00 -1.41 0.14
CA GLN A 29 31.60 -0.14 0.74
C GLN A 29 31.51 0.93 -0.36
N GLY A 30 30.29 1.24 -0.80
CA GLY A 30 30.03 2.32 -1.71
C GLY A 30 29.33 3.50 -1.05
N SER A 31 28.85 4.41 -1.90
CA SER A 31 28.04 5.55 -1.48
C SER A 31 27.24 6.03 -2.68
N ILE A 32 26.44 7.06 -2.46
CA ILE A 32 25.57 7.58 -3.51
C ILE A 32 25.70 9.09 -3.53
N THR A 33 25.55 9.68 -4.71
CA THR A 33 25.52 11.13 -4.86
C THR A 33 24.27 11.52 -5.64
N ILE A 34 23.78 12.74 -5.41
CA ILE A 34 22.61 13.22 -6.12
C ILE A 34 23.02 13.95 -7.39
N ASP A 35 22.15 13.83 -8.39
CA ASP A 35 22.40 14.43 -9.70
C ASP A 35 22.51 15.94 -9.61
N ALA A 36 23.42 16.50 -10.40
CA ALA A 36 23.74 17.91 -10.29
C ALA A 36 22.51 18.81 -10.51
N ASN A 37 21.53 18.37 -11.31
CA ASN A 37 20.40 19.23 -11.62
C ASN A 37 19.54 19.54 -10.42
N TRP A 38 19.56 18.70 -9.37
CA TRP A 38 18.84 18.97 -8.13
C TRP A 38 19.63 19.89 -7.20
N ARG A 39 20.91 20.12 -7.49
CA ARG A 39 21.76 20.89 -6.61
C ARG A 39 21.53 22.39 -6.78
N TRP A 40 22.01 23.12 -5.79
CA TRP A 40 22.11 24.56 -5.81
C TRP A 40 23.17 24.99 -6.83
N THR A 41 22.79 25.88 -7.75
CA THR A 41 23.71 26.41 -8.75
C THR A 41 23.91 27.90 -8.51
N HIS A 42 25.08 28.28 -8.03
CA HIS A 42 25.29 29.67 -7.68
C HIS A 42 26.62 30.14 -8.25
N ARG A 43 26.84 31.46 -8.18
CA ARG A 43 28.10 32.05 -8.60
C ARG A 43 29.25 31.48 -7.78
N THR A 44 30.42 31.36 -8.42
CA THR A 44 31.57 30.83 -7.69
C THR A 44 32.00 31.72 -6.53
N ASP A 45 31.61 33.00 -6.52
CA ASP A 45 32.11 33.92 -5.51
C ASP A 45 31.03 34.38 -4.55
N SER A 46 29.80 33.91 -4.65
CA SER A 46 28.77 34.28 -3.68
C SER A 46 27.66 33.25 -3.70
N ALA A 47 26.71 33.43 -2.80
CA ALA A 47 25.55 32.58 -2.73
C ALA A 47 24.46 33.00 -3.73
N THR A 48 24.75 33.92 -4.64
CA THR A 48 23.75 34.34 -5.61
C THR A 48 23.49 33.22 -6.60
N ASN A 49 22.22 32.88 -6.82
CA ASN A 49 21.86 31.81 -7.75
C ASN A 49 22.28 32.19 -9.17
N CYS A 50 22.89 31.23 -9.87
CA CYS A 50 22.96 31.30 -11.32
C CYS A 50 21.68 30.81 -11.96
N TYR A 51 20.97 29.90 -11.28
CA TYR A 51 19.73 29.34 -11.78
C TYR A 51 18.76 29.34 -10.60
N GLU A 52 17.53 29.80 -10.84
CA GLU A 52 16.56 29.89 -9.77
C GLU A 52 15.17 29.84 -10.40
N GLY A 53 14.25 29.15 -9.73
CA GLY A 53 12.96 28.97 -10.35
C GLY A 53 13.11 28.14 -11.61
N ASN A 54 12.77 28.73 -12.75
CA ASN A 54 12.93 28.06 -14.04
C ASN A 54 13.77 28.88 -15.00
N LYS A 55 14.63 29.73 -14.46
CA LYS A 55 15.41 30.67 -15.26
C LYS A 55 16.87 30.68 -14.86
N TRP A 56 17.72 30.99 -15.83
CA TRP A 56 19.11 31.37 -15.59
C TRP A 56 19.21 32.87 -15.38
N ASP A 57 20.22 33.30 -14.64
CA ASP A 57 20.48 34.74 -14.53
C ASP A 57 21.34 35.17 -15.70
N THR A 58 20.69 35.71 -16.74
CA THR A 58 21.45 36.15 -17.90
C THR A 58 21.83 37.62 -17.82
N SER A 59 21.58 38.29 -16.69
CA SER A 59 22.29 39.54 -16.44
C SER A 59 23.72 39.29 -15.99
N TYR A 60 24.05 38.04 -15.60
CA TYR A 60 25.36 37.71 -15.04
C TYR A 60 26.24 36.95 -16.03
N CYS A 61 25.69 35.92 -16.66
CA CYS A 61 26.41 35.20 -17.70
C CYS A 61 25.35 34.75 -18.69
N SER A 62 25.77 34.53 -19.93
CA SER A 62 24.81 34.31 -21.00
C SER A 62 25.24 33.30 -22.06
N ASP A 63 26.35 32.57 -21.87
CA ASP A 63 26.70 31.51 -22.80
C ASP A 63 27.34 30.37 -22.02
N GLY A 64 27.55 29.25 -22.70
CA GLY A 64 27.93 28.01 -22.07
C GLY A 64 29.21 28.04 -21.27
N PRO A 65 30.32 28.35 -21.93
CA PRO A 65 31.61 28.38 -21.23
C PRO A 65 31.65 29.39 -20.10
N SER A 66 31.07 30.59 -20.29
CA SER A 66 31.21 31.62 -19.26
C SER A 66 30.39 31.29 -18.02
N CYS A 67 29.15 30.79 -18.20
CA CYS A 67 28.41 30.35 -17.02
C CYS A 67 29.08 29.16 -16.36
N ALA A 68 29.58 28.20 -17.16
CA ALA A 68 30.30 27.07 -16.56
C ALA A 68 31.49 27.56 -15.75
N SER A 69 32.10 28.67 -16.16
CA SER A 69 33.24 29.20 -15.43
C SER A 69 32.80 30.01 -14.22
N LYS A 70 31.74 30.81 -14.34
CA LYS A 70 31.38 31.71 -13.26
C LYS A 70 30.37 31.11 -12.30
N CYS A 71 29.88 29.90 -12.56
CA CYS A 71 28.89 29.25 -11.72
C CYS A 71 29.43 27.92 -11.21
N CYS A 72 28.81 27.43 -10.14
CA CYS A 72 29.18 26.17 -9.55
C CYS A 72 27.95 25.46 -9.02
N ILE A 73 28.13 24.20 -8.68
CA ILE A 73 27.15 23.43 -7.91
C ILE A 73 27.75 23.13 -6.55
N ASP A 74 26.89 23.00 -5.55
CA ASP A 74 27.31 22.89 -4.17
C ASP A 74 26.83 21.57 -3.54
N GLY A 75 27.16 21.39 -2.28
CA GLY A 75 26.77 20.19 -1.56
C GLY A 75 25.28 20.07 -1.37
N ALA A 76 24.86 18.88 -0.95
CA ALA A 76 23.45 18.56 -0.87
C ALA A 76 23.12 18.03 0.51
N ASP A 77 22.02 18.55 1.06
CA ASP A 77 21.50 18.15 2.36
C ASP A 77 20.56 16.96 2.14
N TYR A 78 21.14 15.75 2.19
CA TYR A 78 20.52 14.58 1.59
C TYR A 78 19.18 14.27 2.23
N SER A 79 19.16 14.11 3.56
CA SER A 79 17.94 13.66 4.21
C SER A 79 16.90 14.79 4.33
N SER A 80 17.25 15.90 4.99
CA SER A 80 16.23 16.90 5.34
C SER A 80 15.77 17.75 4.14
N THR A 81 16.59 17.90 3.10
CA THR A 81 16.20 18.68 1.93
C THR A 81 15.75 17.80 0.77
N TYR A 82 16.39 16.65 0.54
CA TYR A 82 16.10 15.80 -0.61
C TYR A 82 15.38 14.49 -0.24
N GLY A 83 15.17 14.19 1.04
CA GLY A 83 14.50 12.96 1.43
C GLY A 83 15.25 11.70 1.03
N ILE A 84 16.57 11.78 0.97
CA ILE A 84 17.44 10.64 0.64
C ILE A 84 18.11 10.18 1.92
N THR A 85 17.90 8.93 2.29
CA THR A 85 18.56 8.33 3.42
C THR A 85 19.09 6.95 2.99
N THR A 86 20.12 6.49 3.70
CA THR A 86 20.64 5.15 3.52
C THR A 86 20.83 4.49 4.87
N SER A 87 20.90 3.16 4.83
CA SER A 87 21.17 2.35 6.02
C SER A 87 21.69 1.00 5.53
N GLY A 88 22.95 0.70 5.83
CA GLY A 88 23.49 -0.58 5.39
C GLY A 88 23.51 -0.65 3.87
N ASN A 89 22.80 -1.62 3.30
CA ASN A 89 22.72 -1.79 1.86
C ASN A 89 21.44 -1.20 1.28
N SER A 90 20.80 -0.27 2.00
CA SER A 90 19.44 0.17 1.71
C SER A 90 19.41 1.67 1.43
N LEU A 91 18.71 2.05 0.37
CA LEU A 91 18.55 3.45 -0.04
C LEU A 91 17.07 3.79 -0.15
N ASN A 92 16.64 4.82 0.58
CA ASN A 92 15.25 5.26 0.60
C ASN A 92 15.20 6.61 -0.07
N LEU A 93 14.43 6.70 -1.16
CA LEU A 93 14.18 7.96 -1.85
C LEU A 93 12.73 8.39 -1.64
N LYS A 94 12.55 9.53 -0.98
CA LYS A 94 11.23 10.08 -0.73
C LYS A 94 10.80 11.02 -1.84
N PHE A 95 9.48 11.08 -2.08
CA PHE A 95 8.93 11.78 -3.26
C PHE A 95 8.98 13.30 -3.07
N VAL A 96 8.14 13.84 -2.20
CA VAL A 96 8.12 15.26 -1.93
C VAL A 96 8.65 15.48 -0.51
N THR A 97 9.71 16.28 -0.40
CA THR A 97 10.29 16.66 0.88
C THR A 97 10.10 18.16 1.07
N LYS A 98 9.35 18.54 2.10
CA LYS A 98 9.08 19.94 2.41
C LYS A 98 10.03 20.36 3.51
N GLY A 99 10.89 21.34 3.22
CA GLY A 99 11.78 21.92 4.19
C GLY A 99 11.32 23.31 4.60
N GLN A 100 12.22 24.00 5.29
CA GLN A 100 11.83 25.30 5.85
C GLN A 100 11.54 26.30 4.74
N TYR A 101 12.39 26.35 3.70
CA TYR A 101 12.24 27.35 2.65
C TYR A 101 11.91 26.77 1.28
N SER A 102 11.86 25.45 1.14
CA SER A 102 11.83 24.86 -0.18
C SER A 102 11.10 23.53 -0.18
N THR A 103 10.77 23.10 -1.40
CA THR A 103 10.05 21.87 -1.67
C THR A 103 10.84 21.13 -2.73
N ASN A 104 11.34 19.94 -2.41
CA ASN A 104 12.07 19.12 -3.36
C ASN A 104 11.14 18.04 -3.93
N ILE A 105 11.18 17.86 -5.24
CA ILE A 105 10.35 16.86 -5.94
C ILE A 105 11.28 15.83 -6.56
N GLY A 106 11.13 14.58 -6.16
CA GLY A 106 11.93 13.51 -6.72
C GLY A 106 13.43 13.60 -6.47
N SER A 107 14.17 12.67 -7.06
CA SER A 107 15.62 12.62 -6.93
C SER A 107 16.15 11.64 -7.96
N ARG A 108 17.39 11.86 -8.36
CA ARG A 108 18.16 10.94 -9.17
C ARG A 108 19.53 10.81 -8.51
N THR A 109 19.99 9.57 -8.34
CA THR A 109 21.20 9.31 -7.57
C THR A 109 22.05 8.29 -8.30
N TYR A 110 23.35 8.30 -8.01
CA TYR A 110 24.30 7.41 -8.66
C TYR A 110 25.14 6.69 -7.60
N LEU A 111 25.42 5.41 -7.83
CA LEU A 111 26.30 4.67 -6.95
C LEU A 111 27.75 5.07 -7.21
N MET A 112 28.49 5.31 -6.14
CA MET A 112 29.87 5.75 -6.20
C MET A 112 30.79 4.61 -5.82
N GLU A 113 31.95 4.53 -6.48
CA GLU A 113 33.03 3.69 -5.98
C GLU A 113 33.90 4.43 -5.00
N SER A 114 34.09 5.73 -5.23
CA SER A 114 34.88 6.58 -4.36
C SER A 114 34.23 7.95 -4.33
N ASP A 115 34.86 8.86 -3.59
CA ASP A 115 34.41 10.24 -3.52
C ASP A 115 34.28 10.89 -4.90
N THR A 116 35.11 10.48 -5.86
CA THR A 116 35.14 11.16 -7.14
C THR A 116 34.86 10.23 -8.33
N LYS A 117 34.36 9.02 -8.09
CA LYS A 117 34.12 8.12 -9.22
C LYS A 117 32.85 7.32 -9.01
N TYR A 118 31.99 7.34 -10.03
CA TYR A 118 30.87 6.41 -10.05
C TYR A 118 31.39 4.98 -10.06
N GLN A 119 30.64 4.09 -9.42
CA GLN A 119 30.88 2.65 -9.51
C GLN A 119 30.44 2.16 -10.89
N MET A 120 31.38 1.73 -11.72
CA MET A 120 31.04 1.25 -13.04
C MET A 120 30.76 -0.25 -13.01
N PHE A 121 29.80 -0.67 -13.84
CA PHE A 121 29.43 -2.06 -14.05
C PHE A 121 29.54 -2.40 -15.54
N GLN A 122 30.07 -3.59 -15.83
CA GLN A 122 30.05 -4.18 -17.17
C GLN A 122 29.06 -5.35 -17.10
N LEU A 123 27.87 -5.16 -17.64
CA LEU A 123 26.75 -6.07 -17.40
C LEU A 123 26.68 -7.26 -18.35
N LEU A 124 27.15 -7.12 -19.59
CA LEU A 124 26.97 -8.18 -20.58
C LEU A 124 27.59 -9.48 -20.08
N GLY A 125 26.83 -10.57 -20.21
CA GLY A 125 27.29 -11.85 -19.70
C GLY A 125 27.12 -12.03 -18.21
N ASN A 126 26.58 -11.04 -17.51
CA ASN A 126 26.58 -11.05 -16.07
C ASN A 126 25.18 -10.89 -15.51
N GLU A 127 25.11 -10.85 -14.19
CA GLU A 127 23.86 -10.94 -13.47
C GLU A 127 23.80 -9.84 -12.45
N PHE A 128 22.72 -9.05 -12.47
CA PHE A 128 22.49 -7.96 -11.54
C PHE A 128 21.19 -8.17 -10.79
N THR A 129 21.25 -8.09 -9.46
CA THR A 129 20.10 -8.36 -8.62
C THR A 129 19.99 -7.30 -7.53
N PHE A 130 18.75 -6.95 -7.19
CA PHE A 130 18.50 -6.02 -6.11
C PHE A 130 17.13 -6.32 -5.51
N ASP A 131 16.94 -5.85 -4.28
CA ASP A 131 15.65 -5.86 -3.61
C ASP A 131 15.03 -4.48 -3.76
N VAL A 132 13.70 -4.44 -3.84
CA VAL A 132 13.01 -3.16 -3.97
C VAL A 132 11.69 -3.25 -3.22
N ASP A 133 11.30 -2.11 -2.62
CA ASP A 133 9.98 -1.98 -2.04
C ASP A 133 9.29 -0.81 -2.73
N VAL A 134 8.25 -1.13 -3.49
CA VAL A 134 7.44 -0.15 -4.20
C VAL A 134 6.08 0.03 -3.53
N SER A 135 5.89 -0.53 -2.33
CA SER A 135 4.58 -0.59 -1.72
C SER A 135 3.98 0.79 -1.50
N ASN A 136 4.83 1.79 -1.22
CA ASN A 136 4.36 3.15 -1.02
C ASN A 136 4.58 4.01 -2.27
N LEU A 137 4.41 3.40 -3.44
CA LEU A 137 4.60 4.04 -4.75
C LEU A 137 3.36 3.77 -5.59
N GLY A 138 2.47 4.74 -5.71
CA GLY A 138 1.19 4.55 -6.35
C GLY A 138 1.18 4.97 -7.81
N CYS A 139 -0.03 5.01 -8.35
CA CYS A 139 -0.26 5.50 -9.71
C CYS A 139 0.48 6.81 -9.95
N GLY A 140 1.08 6.93 -11.12
CA GLY A 140 1.72 8.17 -11.52
C GLY A 140 3.16 8.35 -11.06
N LEU A 141 3.71 7.43 -10.26
CA LEU A 141 5.08 7.52 -9.80
C LEU A 141 5.95 6.42 -10.41
N ASN A 142 7.25 6.66 -10.46
CA ASN A 142 8.21 5.71 -11.02
C ASN A 142 9.43 5.66 -10.11
N GLY A 143 9.63 4.52 -9.48
CA GLY A 143 10.90 4.26 -8.82
C GLY A 143 11.74 3.45 -9.76
N ALA A 144 12.84 4.01 -10.23
CA ALA A 144 13.58 3.45 -11.35
C ALA A 144 15.00 3.07 -10.94
N LEU A 145 15.40 1.85 -11.27
CA LEU A 145 16.80 1.47 -11.19
C LEU A 145 17.23 1.10 -12.60
N TYR A 146 18.24 1.80 -13.13
CA TYR A 146 18.68 1.56 -14.49
C TYR A 146 20.17 1.89 -14.64
N PHE A 147 20.68 1.59 -15.83
CA PHE A 147 22.08 1.81 -16.17
C PHE A 147 22.16 2.67 -17.43
N VAL A 148 23.04 3.65 -17.41
CA VAL A 148 23.31 4.48 -18.58
C VAL A 148 24.82 4.56 -18.78
N SER A 149 25.23 4.85 -20.02
CA SER A 149 26.64 4.89 -20.36
C SER A 149 27.24 6.28 -20.10
N MET A 150 27.12 6.75 -18.86
CA MET A 150 27.93 7.89 -18.44
C MET A 150 29.38 7.48 -18.21
N ASP A 151 30.23 8.49 -18.13
CA ASP A 151 31.64 8.31 -17.78
C ASP A 151 31.81 8.23 -16.26
N ALA A 152 32.86 7.52 -15.83
CA ALA A 152 33.05 7.31 -14.40
C ALA A 152 33.31 8.60 -13.66
N ASP A 153 33.90 9.59 -14.33
CA ASP A 153 34.27 10.85 -13.70
C ASP A 153 33.31 11.96 -14.07
N GLY A 154 32.13 11.62 -14.58
CA GLY A 154 31.17 12.65 -14.93
C GLY A 154 31.52 13.49 -16.14
N GLY A 155 32.59 13.15 -16.85
CA GLY A 155 33.04 13.92 -17.99
C GLY A 155 34.26 14.81 -17.78
N MET A 156 34.89 14.74 -16.60
CA MET A 156 36.00 15.64 -16.30
C MET A 156 37.12 15.50 -17.30
N SER A 157 37.53 14.26 -17.59
CA SER A 157 38.64 14.02 -18.51
C SER A 157 38.30 14.40 -19.96
N LYS A 158 37.01 14.50 -20.31
CA LYS A 158 36.61 14.90 -21.65
C LYS A 158 36.39 16.40 -21.77
N TYR A 159 35.85 17.05 -20.74
CA TYR A 159 35.37 18.41 -20.84
C TYR A 159 36.02 19.23 -19.74
N SER A 160 36.94 20.12 -20.12
CA SER A 160 37.69 20.87 -19.14
C SER A 160 36.80 21.83 -18.37
N GLY A 161 35.63 22.18 -18.92
CA GLY A 161 34.70 23.03 -18.21
C GLY A 161 34.00 22.35 -17.05
N ASN A 162 34.03 21.03 -17.00
CA ASN A 162 33.44 20.30 -15.89
C ASN A 162 34.54 20.06 -14.85
N LYS A 163 34.51 20.85 -13.80
CA LYS A 163 35.46 20.74 -12.72
C LYS A 163 34.82 20.17 -11.46
N ALA A 164 33.56 19.74 -11.53
CA ALA A 164 32.82 19.13 -10.43
C ALA A 164 32.87 17.61 -10.46
N GLY A 165 32.61 17.00 -11.63
CA GLY A 165 32.82 15.55 -11.78
C GLY A 165 31.78 14.70 -11.05
N ALA A 166 32.12 13.42 -10.89
CA ALA A 166 31.15 12.46 -10.34
C ALA A 166 30.77 12.83 -8.91
N LYS A 167 31.67 13.46 -8.17
CA LYS A 167 31.38 13.84 -6.79
C LYS A 167 30.08 14.63 -6.68
N TYR A 168 29.78 15.46 -7.67
CA TYR A 168 28.59 16.30 -7.65
C TYR A 168 27.55 15.84 -8.67
N GLY A 169 27.67 14.60 -9.12
CA GLY A 169 26.65 14.01 -9.97
C GLY A 169 26.47 14.68 -11.33
N THR A 170 27.58 15.06 -11.97
CA THR A 170 27.56 15.66 -13.31
C THR A 170 27.68 14.56 -14.37
N GLY A 171 27.42 14.92 -15.62
CA GLY A 171 27.61 14.03 -16.75
C GLY A 171 26.44 13.15 -17.14
N TYR A 172 25.24 13.42 -16.65
CA TYR A 172 24.14 12.51 -16.95
C TYR A 172 23.83 12.46 -18.44
N CYS A 173 23.24 11.33 -18.85
CA CYS A 173 22.75 11.11 -20.20
C CYS A 173 21.82 9.91 -20.16
N ASP A 174 20.87 9.85 -21.10
CA ASP A 174 20.13 8.60 -21.30
C ASP A 174 19.56 8.59 -22.71
N SER A 175 18.65 7.65 -22.96
CA SER A 175 18.14 7.41 -24.31
C SER A 175 17.09 8.42 -24.73
N GLN A 176 16.72 9.34 -23.86
CA GLN A 176 15.84 10.45 -24.18
C GLN A 176 16.60 11.70 -24.59
N CYS A 177 17.94 11.64 -24.61
CA CYS A 177 18.77 12.81 -24.92
C CYS A 177 18.27 14.05 -24.19
N PRO A 178 18.14 14.02 -22.86
CA PRO A 178 17.46 15.10 -22.14
C PRO A 178 18.16 16.45 -22.31
N ARG A 179 17.34 17.48 -22.58
CA ARG A 179 17.77 18.86 -22.76
C ARG A 179 17.52 19.72 -21.52
N ASP A 180 16.99 19.15 -20.43
CA ASP A 180 16.74 19.89 -19.20
C ASP A 180 17.94 19.91 -18.27
N LEU A 181 19.02 19.22 -18.62
CA LEU A 181 20.24 19.28 -17.83
C LEU A 181 20.84 20.68 -17.89
N LYS A 182 21.23 21.20 -16.73
CA LYS A 182 21.77 22.55 -16.68
C LYS A 182 23.24 22.61 -17.09
N PHE A 183 23.94 21.49 -17.04
CA PHE A 183 25.29 21.40 -17.57
C PHE A 183 25.41 20.16 -18.42
N ILE A 184 26.00 20.31 -19.59
CA ILE A 184 26.30 19.22 -20.51
C ILE A 184 27.66 19.52 -21.15
N ASN A 185 28.53 18.51 -21.21
CA ASN A 185 29.86 18.66 -21.82
C ASN A 185 30.64 19.79 -21.16
N GLY A 186 30.50 19.93 -19.84
CA GLY A 186 31.22 20.95 -19.12
C GLY A 186 30.82 22.37 -19.46
N GLU A 187 29.68 22.56 -20.12
CA GLU A 187 29.17 23.88 -20.48
C GLU A 187 27.73 24.02 -19.99
N ALA A 188 27.44 25.16 -19.37
CA ALA A 188 26.08 25.42 -18.93
C ALA A 188 25.13 25.47 -20.13
N ASN A 189 23.97 24.84 -19.97
CA ASN A 189 22.95 24.75 -21.01
C ASN A 189 22.04 25.99 -21.00
N VAL A 190 22.66 27.17 -21.05
CA VAL A 190 21.93 28.42 -20.85
C VAL A 190 21.44 29.01 -22.17
N GLU A 191 21.99 28.56 -23.29
CA GLU A 191 21.64 29.10 -24.58
C GLU A 191 20.24 28.60 -25.00
N ASN A 192 19.38 29.54 -25.42
CA ASN A 192 18.01 29.25 -25.87
C ASN A 192 17.19 28.56 -24.78
N TRP A 193 17.40 28.95 -23.53
CA TRP A 193 16.68 28.31 -22.45
C TRP A 193 15.21 28.68 -22.50
N GLN A 194 14.34 27.68 -22.41
CA GLN A 194 12.90 27.88 -22.44
C GLN A 194 12.34 27.24 -21.19
N SER A 195 11.62 28.01 -20.39
CA SER A 195 11.07 27.47 -19.16
C SER A 195 9.97 26.45 -19.48
N SER A 196 9.94 25.36 -18.70
CA SER A 196 8.88 24.35 -18.84
C SER A 196 7.52 24.99 -18.61
N THR A 197 6.50 24.49 -19.30
CA THR A 197 5.17 25.04 -19.06
C THR A 197 4.50 24.46 -17.81
N ASN A 198 4.88 23.24 -17.38
CA ASN A 198 4.20 22.62 -16.25
C ASN A 198 5.12 22.20 -15.13
N ASP A 199 6.43 22.45 -15.23
CA ASP A 199 7.36 22.12 -14.16
C ASP A 199 8.04 23.40 -13.71
N ALA A 200 7.74 23.83 -12.49
CA ALA A 200 8.17 25.13 -12.00
C ALA A 200 9.68 25.23 -11.86
N ASN A 201 10.39 24.11 -11.83
CA ASN A 201 11.85 24.14 -11.63
C ASN A 201 12.62 23.90 -12.91
N ALA A 202 11.96 23.62 -14.02
CA ALA A 202 12.66 23.03 -15.16
C ALA A 202 12.50 23.91 -16.41
N GLY A 203 13.42 23.69 -17.34
CA GLY A 203 13.31 24.22 -18.69
C GLY A 203 14.08 23.32 -19.63
N THR A 204 14.28 23.74 -20.87
CA THR A 204 15.17 23.01 -21.75
C THR A 204 16.11 23.99 -22.43
N GLY A 205 17.35 23.55 -22.65
CA GLY A 205 18.35 24.36 -23.29
C GLY A 205 18.58 23.96 -24.74
N LYS A 206 19.56 24.60 -25.35
CA LYS A 206 19.90 24.29 -26.72
C LYS A 206 20.31 22.83 -26.87
N TYR A 207 21.05 22.30 -25.90
CA TYR A 207 21.66 20.99 -26.03
C TYR A 207 20.98 19.94 -25.17
N GLY A 208 21.19 18.68 -25.57
CA GLY A 208 20.80 17.54 -24.76
C GLY A 208 21.97 16.56 -24.67
N SER A 209 21.82 15.57 -23.80
CA SER A 209 22.89 14.63 -23.46
C SER A 209 22.42 13.19 -23.66
N CYS A 210 22.97 12.52 -24.67
CA CYS A 210 22.54 11.19 -25.09
C CYS A 210 23.52 10.11 -24.63
N CYS A 211 22.99 8.91 -24.32
CA CYS A 211 23.80 7.70 -24.23
C CYS A 211 22.89 6.48 -24.10
N SER A 212 23.50 5.32 -24.30
CA SER A 212 22.79 4.05 -24.20
C SER A 212 22.16 3.91 -22.81
N GLU A 213 21.03 3.20 -22.77
CA GLU A 213 20.27 3.06 -21.53
C GLU A 213 19.71 1.64 -21.42
N MET A 214 19.91 1.00 -20.27
CA MET A 214 19.27 -0.27 -19.95
C MET A 214 18.36 -0.04 -18.74
N ASP A 215 17.06 -0.05 -18.97
CA ASP A 215 16.09 0.22 -17.90
C ASP A 215 15.77 -1.10 -17.25
N VAL A 216 16.58 -1.48 -16.26
CA VAL A 216 16.35 -2.72 -15.53
C VAL A 216 15.02 -2.68 -14.80
N TRP A 217 14.63 -1.51 -14.33
CA TRP A 217 13.50 -1.43 -13.40
C TRP A 217 12.88 -0.05 -13.48
N GLU A 218 11.65 0.00 -13.97
CA GLU A 218 10.78 1.17 -13.86
C GLU A 218 9.45 0.68 -13.33
N ALA A 219 9.05 1.16 -12.15
CA ALA A 219 7.93 0.49 -11.50
C ALA A 219 7.27 1.36 -10.45
N ASN A 220 5.99 1.07 -10.20
CA ASN A 220 5.32 1.48 -8.96
C ASN A 220 4.54 0.28 -8.43
N ASN A 221 3.64 0.46 -7.47
CA ASN A 221 3.02 -0.76 -6.98
C ASN A 221 1.91 -1.26 -7.91
N MET A 222 1.71 -0.61 -9.05
CA MET A 222 0.70 -1.02 -10.02
C MET A 222 1.29 -1.63 -11.29
N ALA A 223 2.53 -1.30 -11.65
CA ALA A 223 3.05 -1.74 -12.94
C ALA A 223 4.57 -1.65 -12.94
N ALA A 224 5.19 -2.54 -13.72
CA ALA A 224 6.64 -2.63 -13.85
C ALA A 224 7.03 -2.96 -15.28
N ALA A 225 8.18 -2.44 -15.71
CA ALA A 225 8.72 -2.76 -17.02
C ALA A 225 10.24 -2.77 -16.93
N PHE A 226 10.86 -3.65 -17.73
CA PHE A 226 12.30 -3.56 -17.95
C PHE A 226 12.55 -3.43 -19.44
N THR A 227 13.46 -2.52 -19.81
CA THR A 227 13.54 -2.02 -21.19
C THR A 227 14.95 -1.63 -21.62
N PRO A 228 15.56 -2.36 -22.53
CA PRO A 228 16.79 -1.85 -23.18
C PRO A 228 16.46 -0.75 -24.19
N HIS A 229 17.31 0.27 -24.23
CA HIS A 229 17.22 1.40 -25.17
C HIS A 229 18.56 1.58 -25.86
N PRO A 230 18.72 1.12 -27.09
CA PRO A 230 20.00 1.32 -27.79
C PRO A 230 20.15 2.74 -28.33
N CYS A 231 21.41 3.14 -28.51
CA CYS A 231 21.76 4.39 -29.18
C CYS A 231 22.81 4.08 -30.23
N THR A 232 22.74 4.77 -31.37
CA THR A 232 23.70 4.54 -32.45
C THR A 232 25.09 5.09 -32.12
N VAL A 233 25.19 6.04 -31.19
CA VAL A 233 26.45 6.35 -30.52
C VAL A 233 26.35 5.79 -29.11
N ILE A 234 27.30 4.95 -28.70
CA ILE A 234 27.13 4.15 -27.49
C ILE A 234 27.26 5.01 -26.23
N GLY A 235 28.33 5.82 -26.14
CA GLY A 235 28.62 6.60 -24.95
C GLY A 235 27.97 7.98 -24.96
N GLN A 236 28.39 8.80 -24.02
CA GLN A 236 27.78 10.12 -23.85
C GLN A 236 28.16 11.03 -25.01
N SER A 237 27.16 11.71 -25.57
CA SER A 237 27.38 12.65 -26.65
C SER A 237 26.36 13.77 -26.54
N ARG A 238 26.74 14.94 -27.02
CA ARG A 238 25.84 16.08 -26.96
C ARG A 238 25.08 16.18 -28.27
N CYS A 239 23.76 16.39 -28.17
CA CYS A 239 22.87 16.62 -29.29
C CYS A 239 22.34 18.05 -29.24
N GLU A 240 21.78 18.50 -30.35
CA GLU A 240 21.36 19.89 -30.50
C GLU A 240 19.89 19.96 -30.91
N GLY A 241 19.11 20.65 -30.08
CA GLY A 241 17.74 20.99 -30.42
C GLY A 241 16.87 19.80 -30.74
N ASP A 242 16.00 19.96 -31.75
CA ASP A 242 15.00 18.94 -32.04
C ASP A 242 15.62 17.63 -32.52
N SER A 243 16.78 17.72 -33.17
CA SER A 243 17.48 16.50 -33.56
C SER A 243 17.86 15.64 -32.35
N CYS A 244 17.71 16.14 -31.12
CA CYS A 244 17.90 15.30 -29.94
C CYS A 244 16.89 14.17 -29.88
N GLY A 245 15.68 14.40 -30.39
CA GLY A 245 14.66 13.41 -30.13
C GLY A 245 14.35 13.37 -28.63
N GLY A 246 13.78 12.26 -28.20
CA GLY A 246 13.23 12.21 -26.86
C GLY A 246 11.86 12.85 -26.86
N THR A 247 11.18 12.71 -25.75
CA THR A 247 9.75 12.90 -25.88
C THR A 247 9.39 14.39 -25.76
N TYR A 248 10.24 15.18 -25.10
CA TYR A 248 10.04 16.63 -25.00
C TYR A 248 10.66 17.29 -26.25
N SER A 249 10.18 16.79 -27.38
CA SER A 249 10.60 17.25 -28.70
C SER A 249 9.46 16.93 -29.68
N THR A 250 9.57 17.48 -30.89
CA THR A 250 8.50 17.34 -31.88
C THR A 250 8.46 15.95 -32.50
N ASP A 251 9.62 15.37 -32.81
CA ASP A 251 9.70 13.99 -33.30
C ASP A 251 10.63 13.20 -32.35
N ARG A 252 10.04 12.39 -31.47
CA ARG A 252 10.82 11.64 -30.50
C ARG A 252 11.80 10.65 -31.13
N TYR A 253 11.61 10.28 -32.39
CA TYR A 253 12.50 9.31 -33.03
C TYR A 253 13.57 9.95 -33.88
N ALA A 254 13.65 11.28 -33.89
CA ALA A 254 14.53 11.97 -34.83
C ALA A 254 15.98 11.94 -34.38
N GLY A 255 16.26 11.53 -33.15
CA GLY A 255 17.61 11.56 -32.62
C GLY A 255 18.30 10.20 -32.72
N ILE A 256 19.40 10.07 -31.98
CA ILE A 256 20.26 8.91 -32.15
C ILE A 256 19.95 7.77 -31.18
N CYS A 257 19.03 7.97 -30.25
CA CYS A 257 18.67 6.94 -29.30
C CYS A 257 17.23 6.53 -29.51
N ASP A 258 16.94 5.29 -29.15
CA ASP A 258 15.59 4.74 -29.19
C ASP A 258 14.85 5.18 -27.92
N PRO A 259 13.88 6.09 -28.05
CA PRO A 259 13.21 6.61 -26.85
C PRO A 259 12.18 5.66 -26.26
N ASP A 260 11.71 4.66 -27.03
CA ASP A 260 10.71 3.72 -26.54
C ASP A 260 11.34 2.48 -25.93
N GLY A 261 12.38 1.94 -26.56
CA GLY A 261 12.94 0.69 -26.12
C GLY A 261 12.13 -0.51 -26.57
N CYS A 262 12.64 -1.69 -26.23
CA CYS A 262 11.90 -2.94 -26.32
C CYS A 262 11.53 -3.32 -24.90
N ASP A 263 10.27 -3.11 -24.55
CA ASP A 263 9.82 -3.13 -23.17
C ASP A 263 9.14 -4.45 -22.84
N PHE A 264 9.32 -4.91 -21.60
CA PHE A 264 8.54 -6.03 -21.11
C PHE A 264 7.82 -5.63 -19.83
N ASN A 265 6.51 -5.43 -19.95
CA ASN A 265 5.61 -5.15 -18.84
C ASN A 265 4.65 -6.33 -18.79
N SER A 266 4.69 -7.10 -17.68
CA SER A 266 3.83 -8.27 -17.52
C SER A 266 2.40 -7.97 -17.92
N TYR A 267 1.88 -6.84 -17.44
CA TYR A 267 0.51 -6.44 -17.71
C TYR A 267 0.32 -6.14 -19.19
N ARG A 268 1.22 -5.33 -19.77
CA ARG A 268 1.11 -5.04 -21.19
C ARG A 268 1.29 -6.30 -22.03
N GLN A 269 2.10 -7.25 -21.58
CA GLN A 269 2.24 -8.49 -22.33
C GLN A 269 1.13 -9.48 -22.05
N GLY A 270 0.05 -9.07 -21.35
CA GLY A 270 -1.18 -9.83 -21.25
C GLY A 270 -1.48 -10.52 -19.92
N ASN A 271 -0.63 -10.41 -18.90
CA ASN A 271 -0.88 -11.06 -17.61
C ASN A 271 -1.14 -9.98 -16.58
N LYS A 272 -2.43 -9.80 -16.25
CA LYS A 272 -2.89 -8.71 -15.42
C LYS A 272 -2.94 -9.05 -13.93
N THR A 273 -2.67 -10.30 -13.55
CA THR A 273 -2.63 -10.66 -12.13
C THR A 273 -1.23 -11.10 -11.69
N PHE A 274 -0.21 -10.89 -12.53
CA PHE A 274 1.14 -11.29 -12.19
C PHE A 274 1.81 -10.31 -11.23
N TYR A 275 1.64 -9.01 -11.43
CA TYR A 275 2.39 -8.01 -10.68
C TYR A 275 1.43 -6.95 -10.17
N GLY A 276 1.37 -6.80 -8.85
CA GLY A 276 0.51 -5.79 -8.26
C GLY A 276 0.25 -6.12 -6.81
N LYS A 277 -0.58 -5.28 -6.19
CA LYS A 277 -0.87 -5.42 -4.77
C LYS A 277 -1.49 -6.77 -4.43
N GLY A 278 -0.75 -7.62 -3.73
CA GLY A 278 -1.23 -8.93 -3.42
C GLY A 278 -1.25 -9.91 -4.57
N MET A 279 -0.51 -9.66 -5.65
CA MET A 279 -0.50 -10.58 -6.78
C MET A 279 0.61 -11.62 -6.64
N THR A 280 0.84 -12.38 -7.72
CA THR A 280 1.90 -13.38 -7.76
C THR A 280 3.23 -12.78 -7.30
N VAL A 281 3.61 -11.65 -7.91
CA VAL A 281 4.68 -10.80 -7.38
C VAL A 281 3.97 -9.69 -6.62
N ASP A 282 4.01 -9.75 -5.30
CA ASP A 282 3.16 -8.90 -4.45
C ASP A 282 3.86 -7.57 -4.19
N THR A 283 3.30 -6.48 -4.70
CA THR A 283 3.98 -5.21 -4.58
C THR A 283 3.80 -4.54 -3.22
N THR A 284 3.01 -5.10 -2.32
CA THR A 284 2.98 -4.58 -0.96
C THR A 284 4.19 -5.02 -0.14
N LYS A 285 5.01 -5.90 -0.67
CA LYS A 285 6.12 -6.47 0.05
C LYS A 285 7.40 -6.31 -0.76
N LYS A 286 8.53 -6.46 -0.09
CA LYS A 286 9.82 -6.42 -0.75
C LYS A 286 9.89 -7.47 -1.86
N ILE A 287 10.45 -7.07 -3.00
CA ILE A 287 10.62 -7.91 -4.17
C ILE A 287 12.11 -7.99 -4.49
N THR A 288 12.64 -9.20 -4.69
CA THR A 288 13.97 -9.40 -5.28
C THR A 288 13.83 -9.44 -6.80
N VAL A 289 14.62 -8.65 -7.51
CA VAL A 289 14.57 -8.55 -8.98
C VAL A 289 15.91 -9.00 -9.56
N VAL A 290 15.88 -10.06 -10.37
CA VAL A 290 17.08 -10.67 -10.95
C VAL A 290 17.07 -10.43 -12.44
N THR A 291 18.17 -9.91 -12.97
CA THR A 291 18.27 -9.65 -14.40
C THR A 291 19.56 -10.25 -14.93
N GLN A 292 19.46 -11.06 -15.98
CA GLN A 292 20.63 -11.71 -16.58
C GLN A 292 20.80 -11.24 -18.00
N PHE A 293 22.01 -10.89 -18.37
CA PHE A 293 22.32 -10.38 -19.70
C PHE A 293 23.14 -11.45 -20.41
N LEU A 294 22.44 -12.29 -21.18
CA LEU A 294 23.04 -13.46 -21.81
C LEU A 294 23.70 -13.10 -23.14
N LYS A 295 24.87 -13.70 -23.38
CA LYS A 295 25.58 -13.60 -24.65
C LYS A 295 25.27 -14.78 -25.56
N ASN A 296 25.40 -14.55 -26.87
CA ASN A 296 25.48 -15.66 -27.81
C ASN A 296 26.96 -16.01 -28.01
N SER A 297 27.22 -17.03 -28.83
CA SER A 297 28.60 -17.47 -29.01
C SER A 297 29.46 -16.41 -29.69
N ALA A 298 28.86 -15.44 -30.35
CA ALA A 298 29.63 -14.35 -30.92
C ALA A 298 29.91 -13.23 -29.93
N GLY A 299 29.40 -13.33 -28.71
CA GLY A 299 29.64 -12.29 -27.73
C GLY A 299 28.65 -11.14 -27.76
N GLU A 300 27.58 -11.25 -28.52
CA GLU A 300 26.57 -10.20 -28.53
C GLU A 300 25.50 -10.51 -27.49
N LEU A 301 24.83 -9.47 -27.03
CA LEU A 301 23.65 -9.68 -26.21
C LEU A 301 22.60 -10.40 -27.03
N SER A 302 22.17 -11.56 -26.54
CA SER A 302 21.13 -12.31 -27.22
C SER A 302 19.81 -12.33 -26.46
N GLU A 303 19.83 -12.10 -25.15
CA GLU A 303 18.62 -12.29 -24.36
C GLU A 303 18.78 -11.57 -23.02
N ILE A 304 17.69 -10.99 -22.54
CA ILE A 304 17.61 -10.48 -21.17
C ILE A 304 16.57 -11.29 -20.44
N LYS A 305 16.98 -11.97 -19.37
CA LYS A 305 16.09 -12.78 -18.55
C LYS A 305 15.79 -12.09 -17.22
N ARG A 306 14.57 -12.33 -16.73
CA ARG A 306 14.08 -11.76 -15.48
C ARG A 306 13.57 -12.87 -14.59
N PHE A 307 13.98 -12.84 -13.33
CA PHE A 307 13.39 -13.67 -12.28
C PHE A 307 13.08 -12.80 -11.08
N TYR A 308 12.04 -13.19 -10.34
CA TYR A 308 11.68 -12.56 -9.09
C TYR A 308 11.79 -13.58 -7.96
N VAL A 309 12.14 -13.11 -6.78
CA VAL A 309 12.13 -13.92 -5.57
C VAL A 309 11.32 -13.19 -4.51
N GLN A 310 10.37 -13.90 -3.90
CA GLN A 310 9.62 -13.40 -2.76
C GLN A 310 9.39 -14.55 -1.79
N ASN A 311 9.73 -14.34 -0.51
CA ASN A 311 9.50 -15.35 0.52
C ASN A 311 10.14 -16.68 0.14
N GLY A 312 11.33 -16.60 -0.44
CA GLY A 312 12.10 -17.77 -0.80
C GLY A 312 11.66 -18.55 -2.03
N LYS A 313 10.58 -18.16 -2.71
CA LYS A 313 10.17 -18.84 -3.93
C LYS A 313 10.64 -18.05 -5.14
N VAL A 314 11.37 -18.73 -6.04
CA VAL A 314 11.81 -18.14 -7.30
C VAL A 314 10.65 -18.09 -8.28
N ILE A 315 10.34 -16.89 -8.78
CA ILE A 315 9.22 -16.73 -9.70
C ILE A 315 9.79 -16.36 -11.07
N PRO A 316 9.80 -17.27 -12.03
CA PRO A 316 10.18 -16.89 -13.39
C PRO A 316 9.25 -15.82 -13.96
N ASN A 317 9.79 -14.99 -14.85
CA ASN A 317 9.01 -13.95 -15.49
C ASN A 317 7.75 -14.51 -16.14
N SER A 318 6.68 -13.72 -16.10
CA SER A 318 5.41 -14.19 -16.63
C SER A 318 5.48 -14.39 -18.15
N GLU A 319 4.68 -15.35 -18.64
CA GLU A 319 4.58 -15.58 -20.06
C GLU A 319 3.79 -14.44 -20.71
N SER A 320 4.35 -13.88 -21.77
CA SER A 320 3.59 -12.98 -22.61
C SER A 320 2.52 -13.77 -23.31
N THR A 321 1.26 -13.32 -23.18
CA THR A 321 0.17 -14.07 -23.78
C THR A 321 -0.37 -13.39 -25.02
N ILE A 322 0.20 -12.27 -25.44
CA ILE A 322 -0.23 -11.63 -26.70
C ILE A 322 -0.06 -12.60 -27.86
N PRO A 323 -1.11 -12.86 -28.65
CA PRO A 323 -0.97 -13.79 -29.78
C PRO A 323 0.16 -13.35 -30.70
N GLY A 324 1.04 -14.30 -31.03
CA GLY A 324 2.23 -14.02 -31.83
C GLY A 324 3.43 -13.48 -31.07
N VAL A 325 3.28 -13.11 -29.80
CA VAL A 325 4.39 -12.57 -29.01
C VAL A 325 4.66 -13.49 -27.83
N GLU A 326 4.71 -14.80 -28.10
CA GLU A 326 4.98 -15.78 -27.06
C GLU A 326 6.39 -15.63 -26.52
N GLY A 327 6.57 -15.95 -25.24
CA GLY A 327 7.88 -15.85 -24.61
C GLY A 327 7.85 -15.05 -23.32
N ASN A 328 8.89 -15.21 -22.46
CA ASN A 328 8.92 -14.55 -21.16
C ASN A 328 10.25 -13.82 -20.93
N SER A 329 10.98 -13.52 -21.99
CA SER A 329 12.26 -12.84 -21.91
C SER A 329 12.39 -11.96 -23.14
N ILE A 330 13.37 -11.06 -23.12
CA ILE A 330 13.55 -10.12 -24.21
C ILE A 330 14.62 -10.67 -25.13
N THR A 331 14.24 -10.90 -26.39
CA THR A 331 15.17 -11.24 -27.46
C THR A 331 14.87 -10.38 -28.66
N GLN A 332 15.85 -10.29 -29.56
CA GLN A 332 15.64 -9.56 -30.80
C GLN A 332 14.38 -10.05 -31.50
N ASP A 333 14.26 -11.38 -31.65
CA ASP A 333 13.10 -11.96 -32.32
C ASP A 333 11.81 -11.61 -31.59
N TRP A 334 11.81 -11.74 -30.25
CA TRP A 334 10.65 -11.35 -29.47
C TRP A 334 10.29 -9.89 -29.70
N CYS A 335 11.31 -9.03 -29.73
CA CYS A 335 11.08 -7.59 -29.92
C CYS A 335 10.50 -7.30 -31.30
N ASP A 336 10.96 -8.01 -32.32
CA ASP A 336 10.38 -7.85 -33.65
C ASP A 336 8.89 -8.18 -33.61
N ARG A 337 8.52 -9.27 -32.94
CA ARG A 337 7.13 -9.68 -32.90
C ARG A 337 6.30 -8.75 -32.03
N GLN A 338 6.88 -8.29 -30.93
CA GLN A 338 6.17 -7.38 -30.04
C GLN A 338 5.82 -6.09 -30.77
N LYS A 339 6.80 -5.47 -31.44
CA LYS A 339 6.54 -4.23 -32.15
C LYS A 339 5.47 -4.44 -33.23
N ALA A 340 5.50 -5.61 -33.90
CA ALA A 340 4.54 -5.91 -34.94
C ALA A 340 3.14 -6.05 -34.38
N ALA A 341 2.97 -6.83 -33.31
CA ALA A 341 1.64 -7.01 -32.75
C ALA A 341 1.08 -5.70 -32.18
N PHE A 342 1.93 -4.84 -31.65
CA PHE A 342 1.43 -3.62 -31.03
C PHE A 342 1.29 -2.47 -32.02
N GLY A 343 1.79 -2.62 -33.24
CA GLY A 343 1.76 -1.52 -34.19
C GLY A 343 2.61 -0.34 -33.81
N ASP A 344 3.73 -0.59 -33.13
CA ASP A 344 4.63 0.44 -32.63
C ASP A 344 5.81 0.67 -33.59
N VAL A 345 6.37 1.88 -33.49
CA VAL A 345 7.53 2.25 -34.31
C VAL A 345 8.71 1.35 -33.96
N THR A 346 9.32 0.75 -34.99
CA THR A 346 10.47 -0.12 -34.78
C THR A 346 11.77 0.66 -34.62
N ASP A 347 11.78 1.67 -33.74
CA ASP A 347 13.01 2.44 -33.56
C ASP A 347 14.10 1.60 -32.91
N PHE A 348 13.71 0.73 -31.97
CA PHE A 348 14.62 -0.26 -31.41
C PHE A 348 15.38 -0.99 -32.50
N GLN A 349 14.65 -1.46 -33.51
CA GLN A 349 15.30 -2.21 -34.58
C GLN A 349 16.20 -1.31 -35.41
N ASP A 350 15.71 -0.11 -35.75
N ASP A 350 15.72 -0.13 -35.81
CA ASP A 350 16.43 0.77 -36.66
CA ASP A 350 16.57 0.64 -36.73
C ASP A 350 17.73 1.27 -36.05
C ASP A 350 17.81 1.19 -36.05
N LYS A 351 17.79 1.36 -34.72
CA LYS A 351 18.98 1.83 -34.02
C LYS A 351 19.83 0.67 -33.49
N GLY A 352 19.60 -0.55 -33.96
CA GLY A 352 20.58 -1.62 -33.73
C GLY A 352 20.15 -2.71 -32.79
N GLY A 353 18.99 -2.58 -32.14
CA GLY A 353 18.41 -3.67 -31.38
C GLY A 353 19.29 -4.18 -30.27
N MET A 354 19.17 -5.48 -30.02
CA MET A 354 19.90 -6.13 -28.94
C MET A 354 21.40 -5.99 -29.11
N VAL A 355 21.90 -6.20 -30.34
CA VAL A 355 23.33 -6.18 -30.56
C VAL A 355 23.91 -4.83 -30.16
N GLN A 356 23.19 -3.76 -30.49
CA GLN A 356 23.67 -2.42 -30.16
C GLN A 356 23.56 -2.13 -28.66
N MET A 357 22.48 -2.58 -28.02
CA MET A 357 22.42 -2.50 -26.57
C MET A 357 23.60 -3.25 -25.94
N GLY A 358 23.90 -4.44 -26.46
CA GLY A 358 24.99 -5.22 -25.89
C GLY A 358 26.34 -4.54 -26.01
N LYS A 359 26.53 -3.73 -27.05
CA LYS A 359 27.78 -2.98 -27.13
C LYS A 359 27.93 -2.06 -25.92
N ALA A 360 26.83 -1.49 -25.46
CA ALA A 360 26.86 -0.66 -24.26
C ALA A 360 27.07 -1.51 -23.03
N LEU A 361 26.33 -2.61 -22.94
CA LEU A 361 26.46 -3.51 -21.79
C LEU A 361 27.86 -4.09 -21.69
N ALA A 362 28.56 -4.22 -22.82
CA ALA A 362 29.93 -4.71 -22.76
C ALA A 362 30.85 -3.68 -22.11
N GLY A 363 30.53 -2.40 -22.23
CA GLY A 363 31.36 -1.37 -21.63
C GLY A 363 30.92 -1.03 -20.22
N PRO A 364 31.59 -0.07 -19.58
CA PRO A 364 31.17 0.35 -18.25
C PRO A 364 29.96 1.27 -18.30
N MET A 365 29.04 1.04 -17.37
CA MET A 365 27.84 1.86 -17.26
C MET A 365 27.64 2.24 -15.80
N VAL A 366 26.99 3.38 -15.58
CA VAL A 366 26.71 3.90 -14.24
C VAL A 366 25.38 3.37 -13.75
N LEU A 367 25.30 3.07 -12.46
CA LEU A 367 24.04 2.64 -11.85
C LEU A 367 23.32 3.86 -11.29
N VAL A 368 22.09 4.08 -11.72
CA VAL A 368 21.31 5.21 -11.26
C VAL A 368 20.03 4.72 -10.61
N MET A 369 19.63 5.39 -9.53
CA MET A 369 18.40 5.09 -8.82
C MET A 369 17.63 6.38 -8.61
N SER A 370 16.35 6.39 -8.96
CA SER A 370 15.59 7.62 -8.97
C SER A 370 14.14 7.38 -8.56
N ILE A 371 13.48 8.47 -8.23
CA ILE A 371 12.03 8.49 -8.04
C ILE A 371 11.51 9.77 -8.69
N TRP A 372 10.44 9.66 -9.46
CA TRP A 372 9.97 10.80 -10.24
C TRP A 372 8.51 10.62 -10.63
N ASP A 373 7.88 11.74 -10.99
CA ASP A 373 6.63 11.78 -11.72
C ASP A 373 6.89 12.34 -13.11
N ASP A 374 5.88 12.31 -13.97
CA ASP A 374 6.09 12.45 -15.42
C ASP A 374 5.32 13.64 -15.95
N HIS A 375 6.04 14.72 -16.29
CA HIS A 375 5.43 15.96 -16.77
C HIS A 375 5.02 15.90 -18.24
N ALA A 376 5.22 14.77 -18.92
CA ALA A 376 4.81 14.61 -20.30
C ALA A 376 3.60 13.70 -20.47
N VAL A 377 3.62 12.52 -19.84
CA VAL A 377 2.63 11.49 -20.15
C VAL A 377 1.93 11.02 -18.89
N ASN A 378 2.22 11.68 -17.76
CA ASN A 378 1.66 11.30 -16.45
C ASN A 378 1.86 9.83 -16.15
N MET A 379 2.97 9.26 -16.60
CA MET A 379 3.32 7.85 -16.38
C MET A 379 2.30 6.87 -16.96
N LEU A 380 1.36 7.36 -17.78
CA LEU A 380 0.32 6.50 -18.33
C LEU A 380 0.91 5.42 -19.22
N TRP A 381 2.04 5.69 -19.86
CA TRP A 381 2.73 4.65 -20.63
C TRP A 381 3.12 3.47 -19.75
N LEU A 382 3.27 3.67 -18.44
CA LEU A 382 3.69 2.62 -17.53
C LEU A 382 2.52 1.88 -16.90
N ASP A 383 1.54 2.60 -16.39
CA ASP A 383 0.61 1.99 -15.45
C ASP A 383 -0.86 2.18 -15.85
N SER A 384 -1.14 2.56 -17.08
CA SER A 384 -2.51 2.86 -17.48
C SER A 384 -2.75 2.38 -18.91
N THR A 385 -3.74 2.98 -19.55
CA THR A 385 -4.04 2.74 -20.96
C THR A 385 -3.41 3.86 -21.74
N TRP A 386 -2.56 3.52 -22.68
CA TRP A 386 -1.88 4.56 -23.44
C TRP A 386 -1.76 4.10 -24.89
N PRO A 387 -2.32 4.84 -25.86
CA PRO A 387 -3.05 6.10 -25.73
C PRO A 387 -4.36 5.93 -24.98
N ILE A 388 -4.94 7.03 -24.51
CA ILE A 388 -6.05 6.94 -23.56
C ILE A 388 -7.31 6.38 -24.21
N ASP A 389 -7.44 6.41 -25.54
CA ASP A 389 -8.61 5.83 -26.20
C ASP A 389 -8.36 4.41 -26.68
N GLY A 390 -7.23 3.79 -26.32
CA GLY A 390 -6.83 2.53 -26.90
C GLY A 390 -7.28 1.26 -26.22
N ALA A 391 -8.20 1.30 -25.26
CA ALA A 391 -8.67 0.08 -24.60
C ALA A 391 -9.07 -0.97 -25.63
N GLY A 392 -8.62 -2.20 -25.42
CA GLY A 392 -8.87 -3.29 -26.32
C GLY A 392 -7.83 -3.46 -27.40
N LYS A 393 -7.13 -2.39 -27.77
CA LYS A 393 -6.07 -2.54 -28.77
C LYS A 393 -4.81 -3.12 -28.13
N PRO A 394 -4.18 -4.10 -28.77
CA PRO A 394 -3.03 -4.76 -28.14
C PRO A 394 -1.90 -3.75 -27.90
N GLY A 395 -1.34 -3.79 -26.70
CA GLY A 395 -0.30 -2.89 -26.31
C GLY A 395 -0.77 -1.61 -25.63
N ALA A 396 -2.06 -1.28 -25.72
CA ALA A 396 -2.49 -0.01 -25.15
C ALA A 396 -2.62 -0.09 -23.64
N GLU A 397 -3.04 -1.23 -23.12
CA GLU A 397 -3.30 -1.36 -21.69
C GLU A 397 -2.03 -1.83 -21.01
N ARG A 398 -1.51 -1.01 -20.10
CA ARG A 398 -0.25 -1.30 -19.42
C ARG A 398 -0.38 -1.48 -17.92
N GLY A 399 -1.44 -0.96 -17.29
CA GLY A 399 -1.71 -1.18 -15.89
C GLY A 399 -3.12 -0.72 -15.63
N ALA A 400 -3.55 -0.90 -14.39
CA ALA A 400 -4.94 -0.63 -14.00
C ALA A 400 -5.17 0.78 -13.47
N CYS A 401 -4.18 1.68 -13.57
CA CYS A 401 -4.40 3.06 -13.15
C CYS A 401 -5.35 3.76 -14.11
N PRO A 402 -6.23 4.63 -13.62
CA PRO A 402 -7.09 5.39 -14.53
C PRO A 402 -6.30 6.33 -15.41
N THR A 403 -6.87 6.62 -16.58
CA THR A 403 -6.22 7.53 -17.52
C THR A 403 -6.13 8.96 -17.00
N THR A 404 -6.80 9.27 -15.89
CA THR A 404 -6.72 10.59 -15.28
C THR A 404 -5.65 10.68 -14.20
N SER A 405 -4.95 9.57 -13.89
CA SER A 405 -3.94 9.57 -12.84
C SER A 405 -2.64 10.21 -13.33
N GLY A 406 -1.73 10.45 -12.39
CA GLY A 406 -0.36 10.80 -12.74
C GLY A 406 -0.08 12.26 -13.03
N VAL A 407 -1.06 13.16 -12.95
CA VAL A 407 -0.78 14.57 -13.19
C VAL A 407 0.14 15.06 -12.08
N PRO A 408 1.34 15.53 -12.42
CA PRO A 408 2.34 15.83 -11.37
C PRO A 408 1.81 16.71 -10.24
N ALA A 409 1.18 17.85 -10.56
CA ALA A 409 0.69 18.72 -9.49
C ALA A 409 -0.30 17.99 -8.61
N GLU A 410 -1.09 17.07 -9.18
CA GLU A 410 -2.07 16.37 -8.36
C GLU A 410 -1.44 15.27 -7.51
N VAL A 411 -0.55 14.46 -8.10
CA VAL A 411 0.05 13.40 -7.31
C VAL A 411 1.03 13.98 -6.30
N GLU A 412 1.69 15.09 -6.63
CA GLU A 412 2.54 15.77 -5.67
C GLU A 412 1.75 16.26 -4.47
N ALA A 413 0.50 16.68 -4.69
CA ALA A 413 -0.31 17.20 -3.61
C ALA A 413 -0.93 16.10 -2.77
N GLU A 414 -1.26 14.98 -3.39
CA GLU A 414 -2.03 13.94 -2.74
C GLU A 414 -1.17 12.87 -2.10
N ALA A 415 -0.06 12.53 -2.75
CA ALA A 415 0.78 11.46 -2.23
C ALA A 415 2.22 11.95 -2.01
N PRO A 416 2.44 13.10 -1.34
CA PRO A 416 3.80 13.62 -1.25
C PRO A 416 4.76 12.71 -0.52
N ASN A 417 4.26 11.88 0.40
CA ASN A 417 5.14 11.05 1.19
C ASN A 417 5.34 9.66 0.59
N SER A 418 5.03 9.50 -0.70
CA SER A 418 5.41 8.29 -1.39
C SER A 418 6.93 8.12 -1.33
N ASN A 419 7.39 6.88 -1.44
CA ASN A 419 8.81 6.61 -1.37
C ASN A 419 9.11 5.24 -1.99
N VAL A 420 10.36 5.05 -2.40
CA VAL A 420 10.85 3.76 -2.87
C VAL A 420 12.12 3.41 -2.12
N ILE A 421 12.30 2.11 -1.85
CA ILE A 421 13.50 1.62 -1.15
C ILE A 421 14.18 0.59 -2.04
N PHE A 422 15.38 0.93 -2.52
CA PHE A 422 16.27 0.00 -3.20
C PHE A 422 17.27 -0.52 -2.18
N SER A 423 17.53 -1.81 -2.19
CA SER A 423 18.46 -2.36 -1.22
C SER A 423 19.06 -3.66 -1.75
N ASN A 424 20.12 -4.10 -1.07
CA ASN A 424 20.69 -5.43 -1.26
C ASN A 424 21.08 -5.66 -2.72
N ILE A 425 21.93 -4.78 -3.23
CA ILE A 425 22.42 -4.91 -4.60
C ILE A 425 23.46 -6.03 -4.63
N ARG A 426 23.28 -6.96 -5.58
CA ARG A 426 24.18 -8.09 -5.79
C ARG A 426 24.52 -8.18 -7.27
N PHE A 427 25.80 -8.38 -7.58
CA PHE A 427 26.29 -8.37 -8.95
C PHE A 427 27.39 -9.40 -9.10
N GLY A 428 27.35 -10.16 -10.19
CA GLY A 428 28.35 -11.15 -10.48
C GLY A 428 28.01 -11.92 -11.74
N PRO A 429 28.63 -13.08 -11.94
CA PRO A 429 28.31 -13.89 -13.11
C PRO A 429 26.97 -14.56 -12.96
N ILE A 430 26.51 -15.16 -14.07
CA ILE A 430 25.20 -15.80 -14.11
C ILE A 430 25.13 -16.91 -13.08
N GLY A 431 24.03 -16.94 -12.31
CA GLY A 431 23.83 -17.90 -11.25
C GLY A 431 24.48 -17.55 -9.92
N SER A 432 25.20 -16.44 -9.84
CA SER A 432 25.98 -16.15 -8.64
C SER A 432 25.23 -15.34 -7.59
N THR A 433 24.18 -14.58 -7.96
CA THR A 433 23.58 -13.65 -7.01
C THR A 433 22.42 -14.24 -6.22
N VAL A 434 21.74 -15.24 -6.77
CA VAL A 434 20.66 -15.93 -6.08
C VAL A 434 20.78 -17.41 -6.46
N SER A 435 20.69 -18.26 -5.45
CA SER A 435 20.79 -19.70 -5.66
C SER A 435 19.43 -20.27 -6.10
N GLY A 436 19.47 -21.28 -6.95
CA GLY A 436 18.25 -21.99 -7.30
C GLY A 436 17.38 -21.34 -8.35
N LEU A 437 17.96 -20.54 -9.24
CA LEU A 437 17.18 -19.97 -10.33
C LEU A 437 16.77 -21.06 -11.35
N ASN B 2 -34.65 -21.04 9.97
CA ASN B 2 -34.25 -22.42 9.71
C ASN B 2 -32.93 -22.44 8.97
N ALA B 3 -32.37 -23.64 8.83
CA ALA B 3 -31.17 -23.89 8.04
C ALA B 3 -31.54 -24.80 6.87
N CYS B 4 -31.05 -24.46 5.69
CA CYS B 4 -31.24 -25.31 4.52
C CYS B 4 -29.87 -25.72 4.02
N THR B 5 -29.91 -26.72 3.12
CA THR B 5 -28.72 -27.39 2.62
C THR B 5 -28.75 -27.54 1.11
N LEU B 6 -29.39 -26.59 0.41
CA LEU B 6 -29.21 -26.48 -1.03
C LEU B 6 -27.74 -26.24 -1.38
N THR B 7 -26.97 -25.64 -0.47
CA THR B 7 -25.52 -25.46 -0.63
C THR B 7 -24.84 -26.03 0.60
N ALA B 8 -23.85 -26.89 0.40
CA ALA B 8 -23.10 -27.41 1.54
C ALA B 8 -22.46 -26.26 2.33
N GLU B 9 -22.44 -26.41 3.65
CA GLU B 9 -21.79 -25.45 4.53
C GLU B 9 -20.55 -26.12 5.12
N ASN B 10 -19.38 -25.73 4.63
CA ASN B 10 -18.11 -26.24 5.15
C ASN B 10 -17.28 -25.07 5.66
N HIS B 11 -17.16 -24.96 6.96
CA HIS B 11 -16.40 -23.85 7.55
C HIS B 11 -14.93 -23.92 7.12
N PRO B 12 -14.38 -22.85 6.55
CA PRO B 12 -12.94 -22.88 6.25
C PRO B 12 -12.14 -23.02 7.54
N SER B 13 -11.08 -23.82 7.49
CA SER B 13 -10.40 -24.15 8.73
C SER B 13 -9.43 -23.03 9.08
N LEU B 14 -9.16 -22.88 10.36
CA LEU B 14 -8.26 -21.82 10.80
C LEU B 14 -7.64 -22.23 12.11
N THR B 15 -6.32 -22.35 12.15
CA THR B 15 -5.65 -22.67 13.40
C THR B 15 -5.34 -21.41 14.20
N TRP B 16 -5.27 -21.56 15.52
CA TRP B 16 -4.87 -20.48 16.42
C TRP B 16 -4.09 -21.07 17.60
N SER B 17 -3.60 -20.19 18.48
CA SER B 17 -2.69 -20.63 19.53
C SER B 17 -3.21 -20.24 20.91
N LYS B 18 -3.30 -21.26 21.77
CA LYS B 18 -3.61 -21.09 23.19
C LYS B 18 -2.29 -21.17 23.95
N CYS B 19 -1.99 -20.13 24.73
CA CYS B 19 -0.68 -19.99 25.34
C CYS B 19 -0.79 -19.97 26.86
N THR B 20 0.28 -20.41 27.51
CA THR B 20 0.42 -20.41 28.95
C THR B 20 1.54 -19.47 29.36
N SER B 21 1.59 -19.15 30.65
CA SER B 21 2.72 -18.39 31.19
C SER B 21 4.03 -19.09 30.89
N GLY B 22 4.96 -18.37 30.28
CA GLY B 22 6.22 -18.91 29.83
C GLY B 22 6.40 -18.91 28.34
N GLY B 23 5.33 -18.74 27.57
CA GLY B 23 5.45 -18.60 26.13
C GLY B 23 5.24 -19.88 25.34
N SER B 24 4.94 -20.98 26.00
CA SER B 24 4.57 -22.21 25.31
C SER B 24 3.12 -22.10 24.84
N CYS B 25 2.90 -22.49 23.59
CA CYS B 25 1.58 -22.37 22.98
C CYS B 25 1.20 -23.69 22.35
N THR B 26 -0.09 -24.02 22.42
CA THR B 26 -0.65 -25.20 21.81
C THR B 26 -1.52 -24.79 20.63
N SER B 27 -1.38 -25.49 19.51
CA SER B 27 -2.22 -25.22 18.35
C SER B 27 -3.63 -25.74 18.56
N VAL B 28 -4.61 -24.92 18.19
CA VAL B 28 -6.03 -25.27 18.23
C VAL B 28 -6.57 -25.29 16.81
N GLN B 29 -7.31 -26.34 16.46
CA GLN B 29 -7.93 -26.42 15.14
C GLN B 29 -9.30 -25.76 15.22
N GLY B 30 -9.39 -24.53 14.72
CA GLY B 30 -10.65 -23.84 14.62
C GLY B 30 -11.15 -23.78 13.19
N SER B 31 -12.19 -22.99 13.00
CA SER B 31 -12.74 -22.74 11.67
C SER B 31 -13.49 -21.42 11.71
N ILE B 32 -14.04 -21.05 10.56
CA ILE B 32 -14.64 -19.74 10.35
C ILE B 32 -16.00 -19.93 9.72
N THR B 33 -16.98 -19.13 10.14
CA THR B 33 -18.29 -19.14 9.49
C THR B 33 -18.65 -17.69 9.18
N ILE B 34 -19.42 -17.48 8.09
CA ILE B 34 -19.84 -16.14 7.72
C ILE B 34 -21.20 -15.83 8.33
N ASP B 35 -21.40 -14.56 8.70
CA ASP B 35 -22.60 -14.09 9.37
C ASP B 35 -23.85 -14.30 8.51
N ALA B 36 -24.96 -14.62 9.19
CA ALA B 36 -26.18 -15.03 8.49
C ALA B 36 -26.70 -13.97 7.53
N ASN B 37 -26.42 -12.70 7.79
CA ASN B 37 -26.94 -11.63 6.94
C ASN B 37 -26.37 -11.63 5.54
N TRP B 38 -25.19 -12.22 5.32
CA TRP B 38 -24.61 -12.34 4.01
C TRP B 38 -25.10 -13.56 3.25
N ARG B 39 -25.77 -14.50 3.93
CA ARG B 39 -26.21 -15.75 3.31
C ARG B 39 -27.47 -15.56 2.47
N TRP B 40 -27.71 -16.56 1.63
CA TRP B 40 -28.96 -16.70 0.91
C TRP B 40 -30.07 -17.04 1.89
N THR B 41 -31.17 -16.28 1.84
CA THR B 41 -32.33 -16.52 2.68
C THR B 41 -33.50 -16.91 1.78
N HIS B 42 -33.88 -18.18 1.80
CA HIS B 42 -34.91 -18.63 0.89
C HIS B 42 -35.95 -19.44 1.64
N ARG B 43 -37.03 -19.74 0.93
CA ARG B 43 -38.08 -20.57 1.52
C ARG B 43 -37.52 -21.95 1.87
N THR B 44 -38.01 -22.50 2.98
CA THR B 44 -37.50 -23.80 3.43
C THR B 44 -37.72 -24.90 2.40
N ASP B 45 -38.66 -24.72 1.46
CA ASP B 45 -39.05 -25.76 0.51
C ASP B 45 -38.74 -25.45 -0.95
N SER B 46 -38.08 -24.33 -1.25
CA SER B 46 -37.78 -24.00 -2.63
C SER B 46 -36.58 -23.05 -2.67
N ALA B 47 -36.13 -22.75 -3.88
CA ALA B 47 -35.07 -21.78 -4.09
C ALA B 47 -35.59 -20.35 -4.18
N THR B 48 -36.90 -20.15 -3.93
CA THR B 48 -37.46 -18.81 -3.94
C THR B 48 -36.96 -18.01 -2.75
N ASN B 49 -36.46 -16.81 -3.03
CA ASN B 49 -35.92 -15.95 -1.98
C ASN B 49 -37.01 -15.51 -1.00
N CYS B 50 -36.68 -15.55 0.29
CA CYS B 50 -37.47 -14.79 1.25
C CYS B 50 -37.05 -13.32 1.27
N TYR B 51 -35.79 -13.05 0.92
CA TYR B 51 -35.22 -11.72 0.92
C TYR B 51 -34.37 -11.56 -0.32
N GLU B 52 -34.49 -10.40 -0.98
CA GLU B 52 -33.79 -10.16 -2.23
C GLU B 52 -33.62 -8.66 -2.44
N GLY B 53 -32.42 -8.27 -2.84
CA GLY B 53 -32.12 -6.85 -2.87
C GLY B 53 -32.20 -6.33 -1.46
N ASN B 54 -33.09 -5.38 -1.21
CA ASN B 54 -33.29 -4.91 0.16
C ASN B 54 -34.76 -4.96 0.53
N LYS B 55 -35.50 -5.93 -0.01
CA LYS B 55 -36.92 -6.09 0.23
C LYS B 55 -37.17 -7.54 0.67
N TRP B 56 -38.15 -7.72 1.55
CA TRP B 56 -38.68 -9.04 1.86
C TRP B 56 -39.86 -9.35 0.94
N ASP B 57 -40.03 -10.63 0.63
CA ASP B 57 -41.29 -11.19 0.17
C ASP B 57 -41.97 -11.82 1.38
N THR B 58 -43.06 -11.21 1.86
CA THR B 58 -43.85 -11.80 2.94
C THR B 58 -45.17 -12.40 2.46
N SER B 59 -45.32 -12.70 1.18
CA SER B 59 -46.61 -13.17 0.72
C SER B 59 -47.02 -14.51 1.31
N TYR B 60 -46.10 -15.24 1.94
CA TYR B 60 -46.37 -16.56 2.46
C TYR B 60 -46.45 -16.58 3.98
N CYS B 61 -46.29 -15.43 4.63
CA CYS B 61 -46.24 -15.33 6.09
C CYS B 61 -46.78 -13.97 6.47
N SER B 62 -46.86 -13.71 7.79
CA SER B 62 -47.45 -12.44 8.21
C SER B 62 -46.75 -11.78 9.40
N ASP B 63 -45.70 -12.36 9.97
CA ASP B 63 -45.01 -11.76 11.10
C ASP B 63 -43.65 -12.43 11.26
N GLY B 64 -42.94 -12.04 12.32
CA GLY B 64 -41.61 -12.54 12.59
C GLY B 64 -41.52 -14.05 12.75
N PRO B 65 -42.28 -14.62 13.70
CA PRO B 65 -42.22 -16.09 13.87
C PRO B 65 -42.66 -16.87 12.65
N SER B 66 -43.73 -16.44 11.97
CA SER B 66 -44.21 -17.22 10.83
C SER B 66 -43.25 -17.11 9.66
N CYS B 67 -42.71 -15.92 9.42
CA CYS B 67 -41.71 -15.75 8.38
C CYS B 67 -40.41 -16.51 8.73
N ALA B 68 -40.01 -16.51 10.00
CA ALA B 68 -38.86 -17.33 10.41
C ALA B 68 -39.12 -18.82 10.23
N SER B 69 -40.36 -19.27 10.34
CA SER B 69 -40.60 -20.70 10.21
C SER B 69 -40.58 -21.14 8.75
N LYS B 70 -40.99 -20.27 7.83
CA LYS B 70 -41.04 -20.59 6.41
C LYS B 70 -39.76 -20.28 5.67
N CYS B 71 -38.77 -19.68 6.32
CA CYS B 71 -37.55 -19.32 5.64
C CYS B 71 -36.34 -19.99 6.29
N CYS B 72 -35.25 -20.05 5.52
CA CYS B 72 -34.00 -20.59 6.02
C CYS B 72 -32.84 -19.80 5.44
N ILE B 73 -31.68 -19.99 6.05
CA ILE B 73 -30.43 -19.50 5.49
C ILE B 73 -29.64 -20.71 5.06
N ASP B 74 -28.77 -20.54 4.06
CA ASP B 74 -28.15 -21.69 3.43
C ASP B 74 -26.62 -21.61 3.55
N GLY B 75 -25.96 -22.63 3.01
CA GLY B 75 -24.51 -22.68 3.01
C GLY B 75 -23.88 -21.58 2.16
N ALA B 76 -22.58 -21.40 2.32
CA ALA B 76 -21.88 -20.26 1.75
C ALA B 76 -20.70 -20.72 0.91
N ASP B 77 -20.60 -20.15 -0.29
CA ASP B 77 -19.50 -20.42 -1.20
C ASP B 77 -18.40 -19.43 -0.84
N TYR B 78 -17.52 -19.86 0.08
CA TYR B 78 -16.69 -18.93 0.83
C TYR B 78 -15.74 -18.16 -0.08
N SER B 79 -14.97 -18.87 -0.91
CA SER B 79 -13.95 -18.21 -1.72
C SER B 79 -14.56 -17.47 -2.92
N SER B 80 -15.26 -18.18 -3.78
CA SER B 80 -15.64 -17.64 -5.09
C SER B 80 -16.79 -16.65 -5.00
N THR B 81 -17.64 -16.76 -3.98
CA THR B 81 -18.75 -15.83 -3.83
C THR B 81 -18.45 -14.77 -2.78
N TYR B 82 -17.80 -15.12 -1.67
CA TYR B 82 -17.56 -14.17 -0.60
C TYR B 82 -16.12 -13.70 -0.47
N GLY B 83 -15.18 -14.26 -1.25
CA GLY B 83 -13.80 -13.82 -1.11
C GLY B 83 -13.17 -14.13 0.24
N ILE B 84 -13.58 -15.21 0.87
CA ILE B 84 -13.04 -15.64 2.15
C ILE B 84 -12.19 -16.89 1.93
N THR B 85 -10.89 -16.81 2.23
CA THR B 85 -10.02 -17.97 2.18
C THR B 85 -9.17 -18.07 3.44
N THR B 86 -8.76 -19.29 3.76
CA THR B 86 -7.84 -19.51 4.86
C THR B 86 -6.69 -20.40 4.40
N SER B 87 -5.62 -20.32 5.17
CA SER B 87 -4.47 -21.19 4.96
C SER B 87 -3.73 -21.24 6.29
N GLY B 88 -3.68 -22.40 6.91
CA GLY B 88 -2.98 -22.52 8.17
C GLY B 88 -3.65 -21.65 9.20
N ASN B 89 -2.90 -20.70 9.77
CA ASN B 89 -3.45 -19.79 10.76
C ASN B 89 -3.83 -18.44 10.17
N SER B 90 -4.08 -18.38 8.87
CA SER B 90 -4.20 -17.13 8.14
C SER B 90 -5.58 -17.06 7.50
N LEU B 91 -6.27 -15.93 7.67
CA LEU B 91 -7.58 -15.71 7.08
C LEU B 91 -7.57 -14.45 6.23
N ASN B 92 -7.98 -14.57 4.97
CA ASN B 92 -8.00 -13.46 4.03
C ASN B 92 -9.44 -13.11 3.68
N LEU B 93 -9.84 -11.88 4.00
CA LEU B 93 -11.14 -11.34 3.64
C LEU B 93 -10.95 -10.29 2.55
N LYS B 94 -11.57 -10.52 1.39
CA LYS B 94 -11.53 -9.60 0.26
C LYS B 94 -12.80 -8.74 0.27
N PHE B 95 -12.66 -7.52 -0.24
CA PHE B 95 -13.71 -6.51 -0.14
C PHE B 95 -14.88 -6.80 -1.09
N VAL B 96 -14.65 -6.66 -2.39
CA VAL B 96 -15.68 -6.91 -3.39
C VAL B 96 -15.32 -8.17 -4.16
N THR B 97 -16.22 -9.15 -4.15
CA THR B 97 -16.06 -10.39 -4.91
C THR B 97 -17.14 -10.46 -5.98
N LYS B 98 -16.70 -10.50 -7.22
CA LYS B 98 -17.61 -10.56 -8.36
C LYS B 98 -17.68 -12.00 -8.87
N GLY B 99 -18.88 -12.58 -8.80
CA GLY B 99 -19.14 -13.87 -9.40
C GLY B 99 -19.94 -13.72 -10.68
N GLN B 100 -20.42 -14.86 -11.17
CA GLN B 100 -21.09 -14.92 -12.47
C GLN B 100 -22.38 -14.13 -12.47
N TYR B 101 -23.16 -14.24 -11.38
CA TYR B 101 -24.47 -13.61 -11.32
C TYR B 101 -24.59 -12.54 -10.24
N SER B 102 -23.60 -12.37 -9.37
CA SER B 102 -23.81 -11.48 -8.24
C SER B 102 -22.48 -10.92 -7.75
N THR B 103 -22.58 -9.85 -6.98
CA THR B 103 -21.40 -9.17 -6.46
C THR B 103 -21.57 -9.00 -4.97
N ASN B 104 -20.63 -9.55 -4.21
CA ASN B 104 -20.65 -9.52 -2.76
C ASN B 104 -19.79 -8.39 -2.21
N ILE B 105 -20.31 -7.67 -1.22
CA ILE B 105 -19.58 -6.57 -0.60
C ILE B 105 -19.28 -6.96 0.85
N GLY B 106 -17.99 -7.00 1.18
CA GLY B 106 -17.58 -7.23 2.55
C GLY B 106 -17.98 -8.58 3.11
N SER B 107 -17.69 -8.74 4.41
CA SER B 107 -18.03 -9.96 5.13
C SER B 107 -17.86 -9.71 6.63
N ARG B 108 -18.61 -10.49 7.39
CA ARG B 108 -18.45 -10.59 8.82
C ARG B 108 -18.38 -12.08 9.11
N THR B 109 -17.38 -12.49 9.90
CA THR B 109 -17.09 -13.90 10.16
C THR B 109 -16.81 -14.11 11.64
N TYR B 110 -17.04 -15.35 12.11
CA TYR B 110 -16.87 -15.71 13.50
C TYR B 110 -15.97 -16.93 13.62
N LEU B 111 -15.09 -16.95 14.62
CA LEU B 111 -14.28 -18.13 14.87
C LEU B 111 -15.10 -19.23 15.52
N MET B 112 -14.93 -20.46 15.05
CA MET B 112 -15.69 -21.60 15.54
C MET B 112 -14.81 -22.49 16.41
N GLU B 113 -15.41 -23.03 17.48
CA GLU B 113 -14.80 -24.15 18.18
C GLU B 113 -15.15 -25.47 17.54
N SER B 114 -16.39 -25.60 17.09
CA SER B 114 -16.88 -26.82 16.47
C SER B 114 -17.81 -26.39 15.34
N ASP B 115 -18.38 -27.39 14.66
CA ASP B 115 -19.34 -27.11 13.61
C ASP B 115 -20.51 -26.25 14.11
N THR B 116 -20.87 -26.35 15.39
CA THR B 116 -22.09 -25.71 15.90
C THR B 116 -21.89 -24.76 17.07
N LYS B 117 -20.66 -24.38 17.40
CA LYS B 117 -20.42 -23.50 18.55
C LYS B 117 -19.29 -22.53 18.26
N TYR B 118 -19.53 -21.24 18.51
CA TYR B 118 -18.46 -20.26 18.42
C TYR B 118 -17.36 -20.54 19.43
N GLN B 119 -16.13 -20.22 19.05
CA GLN B 119 -15.03 -20.24 19.99
C GLN B 119 -15.18 -19.05 20.91
N MET B 120 -15.46 -19.30 22.18
CA MET B 120 -15.62 -18.23 23.16
C MET B 120 -14.27 -17.87 23.77
N PHE B 121 -14.10 -16.58 24.08
CA PHE B 121 -12.93 -16.09 24.78
C PHE B 121 -13.37 -15.32 26.01
N GLN B 122 -12.65 -15.54 27.11
CA GLN B 122 -12.80 -14.75 28.31
C GLN B 122 -11.56 -13.88 28.44
N LEU B 123 -11.71 -12.59 28.11
CA LEU B 123 -10.57 -11.69 27.90
C LEU B 123 -10.07 -11.05 29.18
N LEU B 124 -10.94 -10.82 30.16
CA LEU B 124 -10.55 -10.06 31.35
C LEU B 124 -9.36 -10.72 32.05
N GLY B 125 -8.34 -9.91 32.34
CA GLY B 125 -7.11 -10.40 32.94
C GLY B 125 -6.13 -11.03 31.98
N ASN B 126 -6.43 -11.09 30.69
CA ASN B 126 -5.70 -11.91 29.74
C ASN B 126 -5.19 -11.06 28.58
N GLU B 127 -4.56 -11.72 27.62
CA GLU B 127 -3.85 -11.06 26.53
C GLU B 127 -4.28 -11.69 25.21
N PHE B 128 -4.72 -10.87 24.26
CA PHE B 128 -5.10 -11.36 22.94
C PHE B 128 -4.21 -10.69 21.90
N THR B 129 -3.63 -11.51 21.03
CA THR B 129 -2.64 -11.08 20.06
C THR B 129 -2.93 -11.69 18.70
N PHE B 130 -2.68 -10.94 17.64
CA PHE B 130 -2.86 -11.44 16.28
C PHE B 130 -1.95 -10.65 15.35
N ASP B 131 -1.70 -11.23 14.17
CA ASP B 131 -1.04 -10.54 13.09
C ASP B 131 -2.08 -10.03 12.10
N VAL B 132 -1.81 -8.88 11.50
CA VAL B 132 -2.74 -8.32 10.53
C VAL B 132 -1.96 -7.66 9.39
N ASP B 133 -2.54 -7.75 8.20
CA ASP B 133 -2.01 -7.08 7.03
C ASP B 133 -3.12 -6.20 6.44
N VAL B 134 -2.95 -4.88 6.57
CA VAL B 134 -3.85 -3.86 6.02
C VAL B 134 -3.24 -3.14 4.84
N SER B 135 -2.14 -3.64 4.28
CA SER B 135 -1.45 -2.89 3.23
C SER B 135 -2.37 -2.63 2.04
N ASN B 136 -3.29 -3.55 1.74
CA ASN B 136 -4.23 -3.43 0.63
C ASN B 136 -5.61 -2.96 1.10
N LEU B 137 -5.66 -2.15 2.14
CA LEU B 137 -6.91 -1.69 2.72
C LEU B 137 -6.75 -0.18 2.96
N GLY B 138 -7.28 0.64 2.05
CA GLY B 138 -7.09 2.07 2.09
C GLY B 138 -8.24 2.84 2.73
N CYS B 139 -8.21 4.16 2.53
CA CYS B 139 -9.24 5.09 3.00
C CYS B 139 -10.65 4.57 2.78
N GLY B 140 -11.50 4.72 3.80
CA GLY B 140 -12.90 4.35 3.67
C GLY B 140 -13.20 2.89 3.93
N LEU B 141 -12.20 2.06 4.18
CA LEU B 141 -12.37 0.64 4.47
C LEU B 141 -11.95 0.36 5.91
N ASN B 142 -12.51 -0.71 6.47
CA ASN B 142 -12.29 -1.07 7.87
C ASN B 142 -12.09 -2.58 7.93
N GLY B 143 -10.89 -3.01 8.26
CA GLY B 143 -10.68 -4.40 8.61
C GLY B 143 -10.77 -4.51 10.11
N ALA B 144 -11.77 -5.22 10.62
CA ALA B 144 -12.11 -5.17 12.03
C ALA B 144 -11.94 -6.54 12.67
N LEU B 145 -11.23 -6.57 13.78
CA LEU B 145 -11.18 -7.73 14.67
C LEU B 145 -11.73 -7.25 16.01
N TYR B 146 -12.81 -7.88 16.48
CA TYR B 146 -13.42 -7.39 17.70
C TYR B 146 -14.18 -8.50 18.42
N PHE B 147 -14.65 -8.18 19.62
CA PHE B 147 -15.37 -9.13 20.45
C PHE B 147 -16.74 -8.56 20.85
N VAL B 148 -17.75 -9.42 20.78
CA VAL B 148 -19.11 -9.11 21.25
C VAL B 148 -19.62 -10.27 22.09
N SER B 149 -20.57 -9.93 22.98
CA SER B 149 -21.15 -10.90 23.90
C SER B 149 -22.36 -11.61 23.26
N MET B 150 -22.10 -12.25 22.12
CA MET B 150 -23.08 -13.18 21.58
C MET B 150 -23.10 -14.49 22.35
N ASP B 151 -24.16 -15.28 22.12
CA ASP B 151 -24.23 -16.61 22.69
C ASP B 151 -23.44 -17.61 21.86
N ALA B 152 -22.88 -18.61 22.53
CA ALA B 152 -22.01 -19.58 21.89
C ALA B 152 -22.75 -20.38 20.84
N ASP B 153 -24.08 -20.49 20.96
CA ASP B 153 -24.91 -21.27 20.05
C ASP B 153 -25.75 -20.38 19.13
N GLY B 154 -25.40 -19.11 18.98
CA GLY B 154 -26.22 -18.24 18.16
C GLY B 154 -27.57 -17.92 18.75
N GLY B 155 -27.87 -18.38 19.96
CA GLY B 155 -29.16 -18.14 20.57
C GLY B 155 -30.11 -19.32 20.52
N MET B 156 -29.67 -20.48 20.04
CA MET B 156 -30.58 -21.60 19.86
C MET B 156 -31.25 -21.94 21.17
N SER B 157 -30.48 -22.02 22.25
CA SER B 157 -31.05 -22.43 23.52
C SER B 157 -32.06 -21.40 24.04
N LYS B 158 -31.96 -20.14 23.63
CA LYS B 158 -32.88 -19.12 24.09
C LYS B 158 -34.10 -18.99 23.18
N TYR B 159 -33.91 -19.18 21.88
CA TYR B 159 -34.92 -18.81 20.90
C TYR B 159 -35.21 -20.02 20.03
N SER B 160 -36.39 -20.61 20.23
CA SER B 160 -36.72 -21.84 19.52
C SER B 160 -36.95 -21.60 18.04
N GLY B 161 -37.21 -20.36 17.64
CA GLY B 161 -37.34 -20.01 16.24
C GLY B 161 -36.02 -19.96 15.49
N ASN B 162 -34.89 -19.99 16.20
CA ASN B 162 -33.57 -20.04 15.59
C ASN B 162 -33.15 -21.51 15.59
N LYS B 163 -33.23 -22.14 14.42
CA LYS B 163 -32.81 -23.53 14.27
C LYS B 163 -31.52 -23.65 13.47
N ALA B 164 -30.89 -22.54 13.15
CA ALA B 164 -29.63 -22.55 12.42
C ALA B 164 -28.44 -22.45 13.37
N GLY B 165 -28.48 -21.52 14.31
CA GLY B 165 -27.44 -21.50 15.32
C GLY B 165 -26.08 -21.01 14.81
N ALA B 166 -25.07 -21.34 15.59
CA ALA B 166 -23.74 -20.80 15.31
C ALA B 166 -23.20 -21.28 13.98
N LYS B 167 -23.57 -22.49 13.55
CA LYS B 167 -23.10 -23.04 12.28
C LYS B 167 -23.33 -22.11 11.11
N TYR B 168 -24.44 -21.36 11.14
CA TYR B 168 -24.82 -20.45 10.07
C TYR B 168 -24.67 -19.00 10.50
N GLY B 169 -23.88 -18.74 11.53
CA GLY B 169 -23.55 -17.36 11.88
C GLY B 169 -24.72 -16.53 12.36
N THR B 170 -25.61 -17.10 13.17
CA THR B 170 -26.73 -16.36 13.73
C THR B 170 -26.35 -15.78 15.10
N GLY B 171 -27.23 -14.93 15.61
CA GLY B 171 -27.10 -14.39 16.95
C GLY B 171 -26.29 -13.13 17.09
N TYR B 172 -25.99 -12.42 16.00
CA TYR B 172 -25.12 -11.26 16.11
C TYR B 172 -25.74 -10.17 16.99
N CYS B 173 -24.88 -9.37 17.60
CA CYS B 173 -25.27 -8.18 18.34
C CYS B 173 -24.01 -7.34 18.49
N ASP B 174 -24.18 -6.03 18.66
CA ASP B 174 -23.03 -5.22 19.07
C ASP B 174 -23.56 -3.94 19.70
N SER B 175 -22.67 -2.99 19.92
CA SER B 175 -23.04 -1.82 20.71
C SER B 175 -23.80 -0.78 19.91
N GLN B 176 -23.98 -0.99 18.61
CA GLN B 176 -24.86 -0.15 17.80
C GLN B 176 -26.30 -0.61 17.80
N CYS B 177 -26.63 -1.70 18.52
CA CYS B 177 -27.96 -2.29 18.51
C CYS B 177 -28.52 -2.38 17.09
N PRO B 178 -27.80 -3.02 16.17
CA PRO B 178 -28.17 -2.92 14.76
C PRO B 178 -29.56 -3.47 14.47
N ARG B 179 -30.31 -2.72 13.67
CA ARG B 179 -31.62 -3.12 13.22
C ARG B 179 -31.60 -3.70 11.82
N ASP B 180 -30.43 -3.82 11.22
CA ASP B 180 -30.31 -4.36 9.87
C ASP B 180 -30.23 -5.88 9.83
N LEU B 181 -30.19 -6.55 10.98
CA LEU B 181 -30.21 -8.01 11.01
C LEU B 181 -31.56 -8.51 10.53
N LYS B 182 -31.55 -9.50 9.65
CA LYS B 182 -32.79 -10.03 9.10
C LYS B 182 -33.45 -11.03 10.05
N PHE B 183 -32.70 -11.58 11.00
CA PHE B 183 -33.27 -12.41 12.04
C PHE B 183 -32.70 -11.95 13.37
N ILE B 184 -33.59 -11.81 14.35
CA ILE B 184 -33.22 -11.47 15.72
C ILE B 184 -34.11 -12.28 16.65
N ASN B 185 -33.50 -12.91 17.65
CA ASN B 185 -34.23 -13.72 18.63
C ASN B 185 -35.05 -14.82 17.94
N GLY B 186 -34.50 -15.40 16.87
CA GLY B 186 -35.20 -16.45 16.18
C GLY B 186 -36.45 -16.03 15.44
N GLU B 187 -36.62 -14.72 15.19
CA GLU B 187 -37.77 -14.19 14.49
C GLU B 187 -37.29 -13.29 13.35
N ALA B 188 -37.88 -13.45 12.17
CA ALA B 188 -37.54 -12.56 11.05
C ALA B 188 -37.90 -11.12 11.40
N ASN B 189 -36.98 -10.20 11.09
CA ASN B 189 -37.16 -8.77 11.42
C ASN B 189 -37.95 -8.06 10.34
N VAL B 190 -39.17 -8.56 10.07
CA VAL B 190 -39.95 -8.12 8.92
C VAL B 190 -40.89 -6.96 9.21
N GLU B 191 -41.17 -6.66 10.47
CA GLU B 191 -42.13 -5.60 10.77
C GLU B 191 -41.54 -4.22 10.47
N ASN B 192 -42.31 -3.39 9.77
N ASN B 192 -42.30 -3.42 9.73
CA ASN B 192 -41.87 -2.04 9.40
CA ASN B 192 -41.90 -2.05 9.38
C ASN B 192 -40.48 -2.06 8.77
C ASN B 192 -40.51 -2.03 8.74
N TRP B 193 -40.23 -3.05 7.91
CA TRP B 193 -38.98 -3.08 7.18
C TRP B 193 -38.86 -1.86 6.26
N GLN B 194 -37.72 -1.20 6.30
CA GLN B 194 -37.47 -0.06 5.44
C GLN B 194 -36.14 -0.25 4.73
N SER B 195 -36.17 -0.18 3.41
CA SER B 195 -34.96 -0.39 2.63
C SER B 195 -33.99 0.74 2.90
N SER B 196 -32.70 0.41 2.92
CA SER B 196 -31.70 1.45 3.05
C SER B 196 -31.78 2.41 1.88
N THR B 197 -31.42 3.65 2.13
CA THR B 197 -31.35 4.64 1.06
C THR B 197 -30.07 4.54 0.23
N ASN B 198 -28.99 3.95 0.75
CA ASN B 198 -27.73 3.90 0.00
C ASN B 198 -27.08 2.52 -0.09
N ASP B 199 -27.69 1.48 0.46
CA ASP B 199 -27.14 0.13 0.39
C ASP B 199 -28.18 -0.78 -0.28
N ALA B 200 -27.83 -1.25 -1.48
CA ALA B 200 -28.77 -2.03 -2.28
C ALA B 200 -29.15 -3.35 -1.61
N ASN B 201 -28.38 -3.81 -0.63
CA ASN B 201 -28.61 -5.11 0.00
C ASN B 201 -29.26 -5.04 1.37
N ALA B 202 -29.41 -3.86 1.95
CA ALA B 202 -29.72 -3.75 3.37
C ALA B 202 -30.99 -2.93 3.59
N GLY B 203 -31.57 -3.15 4.76
CA GLY B 203 -32.64 -2.33 5.29
C GLY B 203 -32.63 -2.41 6.80
N THR B 204 -33.66 -1.89 7.45
CA THR B 204 -33.78 -2.06 8.89
C THR B 204 -35.21 -2.43 9.24
N GLY B 205 -35.34 -3.28 10.25
CA GLY B 205 -36.62 -3.66 10.77
C GLY B 205 -36.92 -2.98 12.10
N LYS B 206 -38.05 -3.40 12.68
CA LYS B 206 -38.50 -2.89 13.97
C LYS B 206 -37.46 -3.10 15.06
N TYR B 207 -36.81 -4.25 15.08
CA TYR B 207 -35.98 -4.67 16.19
C TYR B 207 -34.48 -4.57 15.89
N GLY B 208 -33.69 -4.48 16.98
CA GLY B 208 -32.25 -4.53 16.88
C GLY B 208 -31.66 -5.45 17.93
N SER B 209 -30.36 -5.71 17.79
CA SER B 209 -29.70 -6.71 18.64
C SER B 209 -28.51 -6.08 19.34
N CYS B 210 -28.62 -5.90 20.66
CA CYS B 210 -27.63 -5.19 21.45
C CYS B 210 -26.79 -6.18 22.24
N CYS B 211 -25.51 -5.84 22.43
CA CYS B 211 -24.67 -6.46 23.46
C CYS B 211 -23.35 -5.69 23.56
N SER B 212 -22.60 -6.00 24.62
CA SER B 212 -21.31 -5.37 24.84
C SER B 212 -20.39 -5.60 23.65
N GLU B 213 -19.49 -4.63 23.43
CA GLU B 213 -18.57 -4.68 22.30
C GLU B 213 -17.20 -4.16 22.72
N MET B 214 -16.17 -4.96 22.48
CA MET B 214 -14.79 -4.52 22.66
C MET B 214 -14.13 -4.54 21.29
N ASP B 215 -13.86 -3.35 20.74
CA ASP B 215 -13.30 -3.21 19.40
C ASP B 215 -11.78 -3.20 19.55
N VAL B 216 -11.19 -4.39 19.47
CA VAL B 216 -9.74 -4.50 19.57
C VAL B 216 -9.06 -3.81 18.40
N TRP B 217 -9.68 -3.86 17.22
CA TRP B 217 -8.98 -3.49 16.00
C TRP B 217 -9.99 -3.00 14.97
N GLU B 218 -9.94 -1.72 14.65
CA GLU B 218 -10.63 -1.18 13.50
C GLU B 218 -9.64 -0.31 12.74
N ALA B 219 -9.32 -0.70 11.51
CA ALA B 219 -8.12 -0.12 10.93
C ALA B 219 -8.13 -0.27 9.42
N ASN B 220 -7.40 0.64 8.77
CA ASN B 220 -6.94 0.45 7.40
C ASN B 220 -5.46 0.86 7.37
N ASN B 221 -4.91 1.10 6.18
CA ASN B 221 -3.49 1.43 6.18
C ASN B 221 -3.24 2.91 6.52
N MET B 222 -4.28 3.68 6.85
CA MET B 222 -4.15 5.09 7.19
C MET B 222 -4.42 5.40 8.65
N ALA B 223 -5.19 4.58 9.34
CA ALA B 223 -5.63 4.88 10.70
C ALA B 223 -6.10 3.61 11.39
N ALA B 224 -5.94 3.58 12.71
CA ALA B 224 -6.37 2.46 13.53
C ALA B 224 -6.89 2.97 14.86
N ALA B 225 -7.87 2.25 15.42
CA ALA B 225 -8.39 2.58 16.75
C ALA B 225 -8.79 1.30 17.47
N PHE B 226 -8.63 1.31 18.81
CA PHE B 226 -9.22 0.29 19.67
C PHE B 226 -10.11 0.96 20.69
N THR B 227 -11.31 0.38 20.88
CA THR B 227 -12.47 1.03 21.48
C THR B 227 -13.38 0.07 22.23
N PRO B 228 -13.40 0.12 23.57
CA PRO B 228 -14.45 -0.58 24.33
C PRO B 228 -15.77 0.17 24.29
N HIS B 229 -16.86 -0.59 24.20
CA HIS B 229 -18.22 -0.05 24.20
C HIS B 229 -19.07 -0.79 25.24
N PRO B 230 -19.28 -0.21 26.41
CA PRO B 230 -20.11 -0.88 27.41
C PRO B 230 -21.60 -0.76 27.09
N CYS B 231 -22.37 -1.69 27.65
CA CYS B 231 -23.83 -1.69 27.58
C CYS B 231 -24.39 -1.98 28.95
N THR B 232 -25.53 -1.37 29.28
CA THR B 232 -26.11 -1.60 30.61
C THR B 232 -26.70 -3.00 30.76
N VAL B 233 -27.08 -3.63 29.66
CA VAL B 233 -27.35 -5.05 29.62
C VAL B 233 -26.18 -5.69 28.90
N ILE B 234 -25.51 -6.63 29.56
CA ILE B 234 -24.21 -7.09 29.11
C ILE B 234 -24.33 -7.97 27.87
N GLY B 235 -25.20 -8.97 27.92
CA GLY B 235 -25.33 -9.94 26.85
C GLY B 235 -26.32 -9.49 25.81
N GLN B 236 -26.66 -10.44 24.93
CA GLN B 236 -27.52 -10.11 23.81
C GLN B 236 -28.93 -9.82 24.28
N SER B 237 -29.50 -8.73 23.80
CA SER B 237 -30.88 -8.37 24.10
C SER B 237 -31.46 -7.68 22.88
N ARG B 238 -32.77 -7.80 22.72
CA ARG B 238 -33.46 -7.19 21.59
C ARG B 238 -33.96 -5.82 21.99
N CYS B 239 -33.74 -4.84 21.13
CA CYS B 239 -34.27 -3.50 21.31
C CYS B 239 -35.28 -3.24 20.21
N GLU B 240 -36.09 -2.21 20.42
CA GLU B 240 -37.24 -1.95 19.56
C GLU B 240 -37.17 -0.52 19.08
N GLY B 241 -37.06 -0.33 17.77
CA GLY B 241 -37.26 1.00 17.21
C GLY B 241 -36.33 2.04 17.79
N ASP B 242 -36.95 3.15 18.19
CA ASP B 242 -36.22 4.36 18.60
C ASP B 242 -35.36 4.10 19.83
N SER B 243 -35.81 3.25 20.75
N SER B 243 -35.81 3.23 20.74
CA SER B 243 -35.03 2.96 21.95
CA SER B 243 -35.07 2.89 21.94
C SER B 243 -33.76 2.15 21.66
C SER B 243 -33.77 2.14 21.65
N CYS B 244 -33.46 1.85 20.39
CA CYS B 244 -32.22 1.15 20.08
C CYS B 244 -31.01 2.07 20.15
N GLY B 245 -31.16 3.34 19.80
CA GLY B 245 -29.93 4.11 19.68
C GLY B 245 -29.10 3.56 18.54
N GLY B 246 -27.79 3.78 18.61
CA GLY B 246 -26.91 3.38 17.54
C GLY B 246 -26.86 4.38 16.39
N THR B 247 -25.96 4.08 15.45
CA THR B 247 -25.56 5.10 14.48
C THR B 247 -26.65 5.37 13.45
N TYR B 248 -27.42 4.35 13.08
CA TYR B 248 -28.58 4.51 12.21
C TYR B 248 -29.83 4.73 13.05
N SER B 249 -29.83 5.84 13.78
CA SER B 249 -30.97 6.17 14.64
C SER B 249 -31.09 7.67 14.74
N THR B 250 -32.21 8.10 15.33
CA THR B 250 -32.48 9.52 15.50
C THR B 250 -31.68 10.11 16.65
N ASP B 251 -31.63 9.40 17.78
CA ASP B 251 -30.77 9.76 18.90
C ASP B 251 -29.89 8.55 19.21
N ARG B 252 -28.64 8.61 18.77
CA ARG B 252 -27.74 7.47 18.93
C ARG B 252 -27.53 7.08 20.39
N TYR B 253 -27.79 7.96 21.35
CA TYR B 253 -27.52 7.70 22.76
C TYR B 253 -28.75 7.25 23.53
N ALA B 254 -29.89 7.07 22.85
CA ALA B 254 -31.16 6.78 23.51
C ALA B 254 -31.28 5.33 23.98
N GLY B 255 -30.36 4.45 23.57
CA GLY B 255 -30.46 3.04 23.90
C GLY B 255 -29.59 2.65 25.08
N ILE B 256 -29.40 1.33 25.22
CA ILE B 256 -28.72 0.80 26.39
C ILE B 256 -27.22 0.60 26.18
N CYS B 257 -26.73 0.80 24.96
CA CYS B 257 -25.32 0.63 24.65
C CYS B 257 -24.69 1.98 24.29
N ASP B 258 -23.39 2.07 24.54
CA ASP B 258 -22.63 3.27 24.20
C ASP B 258 -22.17 3.17 22.76
N PRO B 259 -22.70 3.99 21.84
CA PRO B 259 -22.33 3.85 20.43
C PRO B 259 -20.97 4.44 20.08
N ASP B 260 -20.42 5.32 20.92
CA ASP B 260 -19.15 5.98 20.61
C ASP B 260 -17.95 5.22 21.13
N GLY B 261 -18.04 4.74 22.36
CA GLY B 261 -16.91 4.12 23.03
C GLY B 261 -15.92 5.12 23.60
N CYS B 262 -14.91 4.57 24.25
CA CYS B 262 -13.71 5.29 24.62
C CYS B 262 -12.59 4.78 23.73
N ASP B 263 -12.22 5.59 22.74
CA ASP B 263 -11.39 5.15 21.63
C ASP B 263 -9.97 5.66 21.79
N PHE B 264 -9.00 4.83 21.37
CA PHE B 264 -7.62 5.29 21.27
C PHE B 264 -7.17 5.11 19.83
N ASN B 265 -7.04 6.23 19.13
CA ASN B 265 -6.50 6.32 17.78
C ASN B 265 -5.26 7.18 17.89
N SER B 266 -4.10 6.59 17.59
CA SER B 266 -2.81 7.30 17.68
C SER B 266 -2.85 8.66 16.99
N TYR B 267 -3.42 8.71 15.79
CA TYR B 267 -3.52 9.95 15.03
C TYR B 267 -4.43 10.94 15.71
N ARG B 268 -5.63 10.50 16.11
CA ARG B 268 -6.56 11.36 16.80
C ARG B 268 -6.00 11.85 18.13
N GLN B 269 -5.19 11.03 18.81
CA GLN B 269 -4.55 11.45 20.05
C GLN B 269 -3.27 12.24 19.82
N GLY B 270 -3.00 12.69 18.59
CA GLY B 270 -1.96 13.69 18.35
C GLY B 270 -0.67 13.21 17.72
N ASN B 271 -0.52 11.95 17.39
CA ASN B 271 0.71 11.46 16.76
C ASN B 271 0.39 10.99 15.34
N LYS B 272 0.72 11.82 14.36
CA LYS B 272 0.38 11.57 12.97
C LYS B 272 1.43 10.77 12.23
N THR B 273 2.56 10.43 12.86
CA THR B 273 3.60 9.60 12.25
C THR B 273 3.73 8.24 12.92
N PHE B 274 2.82 7.87 13.81
CA PHE B 274 2.98 6.60 14.50
C PHE B 274 2.50 5.43 13.63
N TYR B 275 1.36 5.60 12.95
CA TYR B 275 0.68 4.50 12.28
C TYR B 275 0.34 4.93 10.86
N GLY B 276 0.86 4.21 9.87
CA GLY B 276 0.60 4.51 8.49
C GLY B 276 1.69 3.98 7.59
N LYS B 277 1.54 4.26 6.29
CA LYS B 277 2.47 3.75 5.29
C LYS B 277 3.89 4.24 5.57
N GLY B 278 4.77 3.31 5.92
CA GLY B 278 6.15 3.65 6.21
C GLY B 278 6.37 4.37 7.52
N MET B 279 5.41 4.35 8.45
CA MET B 279 5.53 5.02 9.73
C MET B 279 6.15 4.07 10.75
N THR B 280 6.21 4.51 12.01
CA THR B 280 6.73 3.66 13.09
C THR B 280 6.09 2.28 13.07
N VAL B 281 4.77 2.23 13.05
CA VAL B 281 4.04 1.01 12.75
C VAL B 281 3.68 1.08 11.28
N ASP B 282 4.37 0.30 10.44
CA ASP B 282 4.31 0.46 8.99
C ASP B 282 3.17 -0.38 8.41
N THR B 283 2.15 0.29 7.89
CA THR B 283 0.98 -0.42 7.42
C THR B 283 1.17 -1.08 6.07
N THR B 284 2.31 -0.87 5.40
CA THR B 284 2.59 -1.67 4.21
C THR B 284 3.03 -3.09 4.57
N LYS B 285 3.25 -3.40 5.85
CA LYS B 285 3.79 -4.69 6.25
C LYS B 285 2.92 -5.30 7.33
N LYS B 286 3.04 -6.62 7.51
CA LYS B 286 2.35 -7.33 8.58
C LYS B 286 2.66 -6.70 9.93
N ILE B 287 1.62 -6.54 10.75
CA ILE B 287 1.71 -5.97 12.09
C ILE B 287 1.20 -7.00 13.11
N THR B 288 1.96 -7.21 14.19
CA THR B 288 1.46 -7.93 15.36
C THR B 288 0.80 -6.93 16.31
N VAL B 289 -0.43 -7.23 16.71
CA VAL B 289 -1.23 -6.35 17.56
C VAL B 289 -1.51 -7.11 18.86
N VAL B 290 -1.01 -6.57 19.97
CA VAL B 290 -1.09 -7.19 21.29
C VAL B 290 -1.97 -6.31 22.16
N THR B 291 -2.97 -6.91 22.78
CA THR B 291 -3.91 -6.20 23.62
C THR B 291 -4.01 -6.94 24.96
N GLN B 292 -3.77 -6.22 26.06
CA GLN B 292 -3.79 -6.78 27.40
C GLN B 292 -4.92 -6.12 28.16
N PHE B 293 -5.74 -6.93 28.86
CA PHE B 293 -6.92 -6.46 29.59
C PHE B 293 -6.59 -6.61 31.08
N LEU B 294 -6.17 -5.50 31.69
CA LEU B 294 -5.62 -5.53 33.03
C LEU B 294 -6.71 -5.38 34.08
N LYS B 295 -6.61 -6.18 35.14
CA LYS B 295 -7.49 -6.04 36.29
C LYS B 295 -6.81 -5.16 37.34
N ASN B 296 -7.63 -4.51 38.15
CA ASN B 296 -7.14 -3.94 39.40
C ASN B 296 -7.28 -4.98 40.51
N SER B 297 -6.92 -4.58 41.74
CA SER B 297 -6.88 -5.51 42.87
C SER B 297 -8.26 -6.02 43.26
N ALA B 298 -9.32 -5.33 42.86
CA ALA B 298 -10.66 -5.81 43.10
C ALA B 298 -11.14 -6.75 42.01
N GLY B 299 -10.33 -6.97 40.98
CA GLY B 299 -10.74 -7.82 39.89
C GLY B 299 -11.53 -7.15 38.79
N GLU B 300 -11.66 -5.83 38.81
CA GLU B 300 -12.36 -5.11 37.74
C GLU B 300 -11.38 -4.72 36.64
N LEU B 301 -11.93 -4.47 35.45
CA LEU B 301 -11.10 -3.94 34.37
C LEU B 301 -10.59 -2.55 34.73
N SER B 302 -9.27 -2.38 34.76
CA SER B 302 -8.66 -1.10 35.08
C SER B 302 -7.96 -0.45 33.90
N GLU B 303 -7.52 -1.21 32.92
CA GLU B 303 -6.71 -0.64 31.86
C GLU B 303 -6.64 -1.59 30.67
N ILE B 304 -6.66 -1.03 29.46
CA ILE B 304 -6.39 -1.76 28.24
C ILE B 304 -5.08 -1.23 27.67
N LYS B 305 -4.08 -2.11 27.54
CA LYS B 305 -2.78 -1.78 27.00
C LYS B 305 -2.61 -2.37 25.61
N ARG B 306 -1.85 -1.65 24.79
CA ARG B 306 -1.58 -2.02 23.41
C ARG B 306 -0.07 -1.99 23.17
N PHE B 307 0.44 -3.04 22.54
CA PHE B 307 1.81 -3.07 22.06
C PHE B 307 1.77 -3.54 20.62
N TYR B 308 2.75 -3.10 19.85
CA TYR B 308 2.91 -3.59 18.50
C TYR B 308 4.24 -4.29 18.36
N VAL B 309 4.27 -5.30 17.50
CA VAL B 309 5.53 -5.95 17.14
C VAL B 309 5.62 -5.90 15.63
N GLN B 310 6.67 -5.29 15.12
CA GLN B 310 6.94 -5.27 13.71
C GLN B 310 8.46 -5.36 13.54
N ASN B 311 8.91 -6.25 12.66
CA ASN B 311 10.35 -6.40 12.40
C ASN B 311 11.12 -6.70 13.69
N GLY B 312 10.54 -7.54 14.55
CA GLY B 312 11.23 -7.92 15.76
C GLY B 312 11.29 -6.86 16.84
N LYS B 313 10.69 -5.69 16.62
CA LYS B 313 10.70 -4.65 17.63
C LYS B 313 9.36 -4.59 18.35
N VAL B 314 9.41 -4.65 19.67
CA VAL B 314 8.24 -4.35 20.49
C VAL B 314 8.09 -2.84 20.56
N ILE B 315 6.95 -2.33 20.10
CA ILE B 315 6.67 -0.91 20.02
C ILE B 315 5.55 -0.59 20.99
N PRO B 316 5.81 0.07 22.12
CA PRO B 316 4.72 0.53 22.98
C PRO B 316 3.77 1.42 22.20
N ASN B 317 2.49 1.40 22.60
CA ASN B 317 1.50 2.30 22.03
C ASN B 317 1.96 3.75 22.18
N SER B 318 1.70 4.56 21.16
CA SER B 318 2.17 5.94 21.14
C SER B 318 1.51 6.77 22.24
N GLU B 319 2.28 7.67 22.83
N GLU B 319 2.28 7.68 22.81
CA GLU B 319 1.76 8.61 23.81
CA GLU B 319 1.76 8.58 23.83
C GLU B 319 0.71 9.51 23.19
C GLU B 319 0.75 9.56 23.23
N SER B 320 -0.37 9.74 23.92
CA SER B 320 -1.33 10.78 23.55
C SER B 320 -0.73 12.13 23.92
N THR B 321 -0.69 13.05 22.96
CA THR B 321 -0.11 14.37 23.16
C THR B 321 -1.16 15.46 23.29
N ILE B 322 -2.44 15.13 23.20
CA ILE B 322 -3.50 16.11 23.45
C ILE B 322 -3.31 16.66 24.85
N PRO B 323 -3.20 17.98 25.02
CA PRO B 323 -3.00 18.53 26.37
C PRO B 323 -4.11 18.10 27.31
N GLY B 324 -3.70 17.62 28.48
CA GLY B 324 -4.64 17.09 29.45
C GLY B 324 -5.06 15.65 29.23
N VAL B 325 -4.68 15.03 28.12
CA VAL B 325 -5.04 13.65 27.86
C VAL B 325 -3.76 12.83 27.74
N GLU B 326 -2.86 13.02 28.68
CA GLU B 326 -1.60 12.28 28.71
C GLU B 326 -1.86 10.79 28.96
N GLY B 327 -1.00 9.96 28.39
CA GLY B 327 -1.14 8.52 28.55
C GLY B 327 -1.13 7.78 27.22
N ASN B 328 -0.84 6.47 27.25
CA ASN B 328 -0.74 5.69 26.02
C ASN B 328 -1.60 4.43 26.11
N SER B 329 -2.58 4.42 27.01
CA SER B 329 -3.44 3.27 27.26
C SER B 329 -4.81 3.79 27.63
N ILE B 330 -5.78 2.88 27.70
CA ILE B 330 -7.16 3.25 28.01
C ILE B 330 -7.43 2.91 29.46
N THR B 331 -7.77 3.94 30.24
CA THR B 331 -8.24 3.79 31.61
C THR B 331 -9.48 4.66 31.78
N GLN B 332 -10.23 4.40 32.86
CA GLN B 332 -11.39 5.24 33.16
C GLN B 332 -11.00 6.69 33.20
N ASP B 333 -9.97 7.01 33.98
CA ASP B 333 -9.54 8.39 34.11
C ASP B 333 -9.09 8.97 32.77
N TRP B 334 -8.36 8.17 31.98
CA TRP B 334 -7.98 8.63 30.65
C TRP B 334 -9.21 8.95 29.82
N CYS B 335 -10.22 8.07 29.86
CA CYS B 335 -11.45 8.28 29.08
C CYS B 335 -12.17 9.54 29.56
N ASP B 336 -12.17 9.78 30.86
CA ASP B 336 -12.76 11.01 31.39
C ASP B 336 -12.05 12.23 30.82
N ARG B 337 -10.72 12.20 30.81
CA ARG B 337 -10.00 13.37 30.31
C ARG B 337 -10.11 13.48 28.80
N GLN B 338 -10.18 12.34 28.09
CA GLN B 338 -10.29 12.38 26.64
C GLN B 338 -11.60 13.00 26.20
N LYS B 339 -12.71 12.51 26.75
CA LYS B 339 -14.02 13.06 26.39
C LYS B 339 -14.09 14.55 26.71
N ALA B 340 -13.49 14.97 27.82
CA ALA B 340 -13.54 16.38 28.20
C ALA B 340 -12.78 17.25 27.21
N ALA B 341 -11.56 16.85 26.84
CA ALA B 341 -10.76 17.63 25.91
C ALA B 341 -11.39 17.67 24.52
N PHE B 342 -12.06 16.60 24.12
CA PHE B 342 -12.64 16.53 22.80
C PHE B 342 -14.04 17.13 22.75
N GLY B 343 -14.65 17.40 23.90
CA GLY B 343 -16.03 17.83 23.91
C GLY B 343 -17.01 16.77 23.42
N ASP B 344 -16.75 15.49 23.68
CA ASP B 344 -17.62 14.42 23.23
C ASP B 344 -18.58 14.00 24.34
N VAL B 345 -19.72 13.42 23.94
CA VAL B 345 -20.74 12.98 24.87
C VAL B 345 -20.17 11.88 25.77
N THR B 346 -20.34 12.04 27.09
CA THR B 346 -19.80 11.08 28.04
C THR B 346 -20.67 9.83 28.17
N ASP B 347 -21.08 9.23 27.05
CA ASP B 347 -21.94 8.06 27.11
C ASP B 347 -21.20 6.83 27.64
N PHE B 348 -19.92 6.68 27.27
CA PHE B 348 -19.08 5.65 27.88
C PHE B 348 -19.23 5.66 29.39
N GLN B 349 -19.11 6.84 30.00
CA GLN B 349 -19.17 6.94 31.46
C GLN B 349 -20.58 6.62 31.94
N ASP B 350 -21.59 7.20 31.28
CA ASP B 350 -22.96 7.09 31.74
C ASP B 350 -23.46 5.65 31.74
N LYS B 351 -22.85 4.79 30.92
CA LYS B 351 -23.29 3.42 30.83
C LYS B 351 -22.33 2.45 31.52
N GLY B 352 -21.46 2.97 32.38
CA GLY B 352 -20.71 2.12 33.29
C GLY B 352 -19.21 2.06 33.03
N GLY B 353 -18.74 2.61 31.91
CA GLY B 353 -17.31 2.79 31.66
C GLY B 353 -16.53 1.48 31.68
N MET B 354 -15.28 1.58 32.15
CA MET B 354 -14.39 0.42 32.13
C MET B 354 -14.97 -0.74 32.94
N VAL B 355 -15.52 -0.45 34.12
CA VAL B 355 -16.03 -1.52 34.98
C VAL B 355 -17.14 -2.27 34.28
N GLN B 356 -18.04 -1.55 33.61
CA GLN B 356 -19.15 -2.22 32.94
C GLN B 356 -18.65 -2.99 31.73
N MET B 357 -17.67 -2.42 31.02
CA MET B 357 -17.01 -3.15 29.95
C MET B 357 -16.38 -4.43 30.49
N GLY B 358 -15.70 -4.32 31.64
CA GLY B 358 -15.01 -5.48 32.19
C GLY B 358 -15.95 -6.62 32.54
N LYS B 359 -17.18 -6.31 32.94
CA LYS B 359 -18.15 -7.36 33.23
C LYS B 359 -18.40 -8.22 32.00
N ALA B 360 -18.37 -7.61 30.81
CA ALA B 360 -18.49 -8.38 29.57
C ALA B 360 -17.24 -9.19 29.33
N LEU B 361 -16.09 -8.54 29.49
CA LEU B 361 -14.80 -9.21 29.29
C LEU B 361 -14.61 -10.37 30.27
N ALA B 362 -15.26 -10.32 31.44
CA ALA B 362 -15.22 -11.42 32.38
C ALA B 362 -16.03 -12.60 31.90
N GLY B 363 -17.05 -12.34 31.07
CA GLY B 363 -17.88 -13.37 30.52
C GLY B 363 -17.30 -13.87 29.21
N PRO B 364 -17.98 -14.83 28.58
CA PRO B 364 -17.52 -15.30 27.26
C PRO B 364 -17.93 -14.32 26.17
N MET B 365 -17.06 -14.13 25.19
CA MET B 365 -17.35 -13.28 24.05
C MET B 365 -16.92 -13.98 22.77
N VAL B 366 -17.59 -13.64 21.70
CA VAL B 366 -17.31 -14.20 20.39
C VAL B 366 -16.27 -13.34 19.69
N LEU B 367 -15.38 -13.99 18.93
CA LEU B 367 -14.37 -13.31 18.14
C LEU B 367 -14.92 -13.06 16.73
N VAL B 368 -14.89 -11.80 16.30
CA VAL B 368 -15.40 -11.39 15.00
C VAL B 368 -14.28 -10.79 14.18
N MET B 369 -14.24 -11.15 12.90
CA MET B 369 -13.30 -10.59 11.93
C MET B 369 -14.08 -10.20 10.67
N SER B 370 -13.91 -8.95 10.24
CA SER B 370 -14.79 -8.43 9.20
C SER B 370 -14.03 -7.44 8.32
N ILE B 371 -14.64 -7.13 7.18
CA ILE B 371 -14.21 -6.06 6.28
C ILE B 371 -15.47 -5.39 5.72
N TRP B 372 -15.51 -4.06 5.75
CA TRP B 372 -16.73 -3.34 5.39
C TRP B 372 -16.40 -1.89 5.09
N ASP B 373 -17.32 -1.23 4.41
CA ASP B 373 -17.34 0.21 4.25
C ASP B 373 -18.54 0.76 5.01
N ASP B 374 -18.63 2.07 5.10
CA ASP B 374 -19.51 2.73 6.07
C ASP B 374 -20.56 3.55 5.34
N HIS B 375 -21.79 3.04 5.32
CA HIS B 375 -22.90 3.68 4.65
C HIS B 375 -23.51 4.82 5.47
N ALA B 376 -22.97 5.11 6.65
CA ALA B 376 -23.44 6.24 7.43
C ALA B 376 -22.47 7.42 7.42
N VAL B 377 -21.18 7.19 7.66
CA VAL B 377 -20.23 8.27 7.91
C VAL B 377 -19.01 8.14 7.00
N ASN B 378 -19.06 7.23 6.04
CA ASN B 378 -17.94 6.99 5.11
C ASN B 378 -16.60 6.81 5.81
N MET B 379 -16.59 6.18 7.00
CA MET B 379 -15.39 5.89 7.78
C MET B 379 -14.60 7.13 8.16
N LEU B 380 -15.15 8.33 7.96
CA LEU B 380 -14.44 9.55 8.30
C LEU B 380 -14.12 9.62 9.80
N TRP B 381 -14.98 9.05 10.64
CA TRP B 381 -14.68 8.97 12.07
C TRP B 381 -13.39 8.22 12.33
N LEU B 382 -13.00 7.31 11.43
CA LEU B 382 -11.80 6.52 11.61
C LEU B 382 -10.55 7.15 10.97
N ASP B 383 -10.64 7.62 9.72
CA ASP B 383 -9.42 7.91 8.98
C ASP B 383 -9.38 9.31 8.36
N SER B 384 -10.26 10.23 8.77
CA SER B 384 -10.34 11.55 8.14
C SER B 384 -10.61 12.62 9.20
N THR B 385 -11.16 13.76 8.77
CA THR B 385 -11.58 14.83 9.68
C THR B 385 -13.08 14.75 9.90
N TRP B 386 -13.47 14.65 11.15
CA TRP B 386 -14.88 14.47 11.47
C TRP B 386 -15.20 15.24 12.74
N PRO B 387 -16.08 16.24 12.70
CA PRO B 387 -16.81 16.67 11.49
C PRO B 387 -15.88 17.26 10.43
N ILE B 388 -16.37 17.35 9.18
CA ILE B 388 -15.47 17.61 8.06
C ILE B 388 -14.91 19.01 8.05
N ASP B 389 -15.54 19.95 8.75
CA ASP B 389 -15.03 21.30 8.85
C ASP B 389 -14.18 21.51 10.10
N GLY B 390 -13.88 20.45 10.84
CA GLY B 390 -13.25 20.56 12.13
C GLY B 390 -11.74 20.56 12.15
N ALA B 391 -11.06 20.74 11.03
CA ALA B 391 -9.60 20.76 11.04
C ALA B 391 -9.05 21.70 12.11
N GLY B 392 -8.10 21.20 12.91
CA GLY B 392 -7.52 21.95 13.99
C GLY B 392 -8.20 21.79 15.34
N LYS B 393 -9.50 21.40 15.38
CA LYS B 393 -10.17 21.21 16.66
C LYS B 393 -9.73 19.89 17.29
N PRO B 394 -9.42 19.86 18.59
CA PRO B 394 -8.96 18.59 19.19
C PRO B 394 -10.03 17.52 19.08
N GLY B 395 -9.62 16.33 18.62
CA GLY B 395 -10.54 15.25 18.39
C GLY B 395 -11.11 15.19 16.98
N ALA B 396 -10.97 16.25 16.19
CA ALA B 396 -11.55 16.23 14.86
C ALA B 396 -10.73 15.40 13.87
N GLU B 397 -9.41 15.47 13.96
CA GLU B 397 -8.53 14.85 12.98
C GLU B 397 -8.17 13.43 13.41
N ARG B 398 -8.60 12.45 12.60
CA ARG B 398 -8.42 11.06 12.94
C ARG B 398 -7.53 10.31 11.96
N GLY B 399 -7.35 10.82 10.75
CA GLY B 399 -6.42 10.29 9.79
C GLY B 399 -6.24 11.30 8.68
N ALA B 400 -5.37 10.96 7.72
CA ALA B 400 -5.01 11.86 6.64
C ALA B 400 -5.87 11.66 5.40
N CYS B 401 -6.90 10.82 5.46
CA CYS B 401 -7.75 10.61 4.31
C CYS B 401 -8.55 11.89 4.04
N PRO B 402 -8.80 12.22 2.77
CA PRO B 402 -9.63 13.39 2.46
C PRO B 402 -11.06 13.21 2.95
N THR B 403 -11.71 14.34 3.23
CA THR B 403 -13.09 14.29 3.69
C THR B 403 -14.06 13.82 2.63
N THR B 404 -13.59 13.68 1.39
CA THR B 404 -14.41 13.15 0.30
C THR B 404 -14.21 11.65 0.09
N SER B 405 -13.34 11.02 0.86
CA SER B 405 -13.13 9.59 0.72
C SER B 405 -14.26 8.83 1.38
N GLY B 406 -14.33 7.53 1.10
CA GLY B 406 -15.15 6.62 1.88
C GLY B 406 -16.59 6.46 1.44
N VAL B 407 -17.02 7.14 0.38
CA VAL B 407 -18.39 6.93 -0.10
C VAL B 407 -18.48 5.49 -0.61
N PRO B 408 -19.35 4.66 -0.03
CA PRO B 408 -19.35 3.23 -0.36
C PRO B 408 -19.36 2.94 -1.85
N ALA B 409 -20.26 3.56 -2.62
CA ALA B 409 -20.33 3.26 -4.06
C ALA B 409 -19.00 3.54 -4.75
N GLU B 410 -18.28 4.57 -4.32
CA GLU B 410 -17.02 4.91 -4.99
C GLU B 410 -15.89 3.99 -4.59
N VAL B 411 -15.77 3.65 -3.30
CA VAL B 411 -14.67 2.80 -2.88
C VAL B 411 -14.90 1.38 -3.37
N GLU B 412 -16.17 0.95 -3.44
CA GLU B 412 -16.49 -0.33 -4.06
C GLU B 412 -16.08 -0.35 -5.53
N ALA B 413 -16.20 0.79 -6.21
CA ALA B 413 -15.85 0.86 -7.62
C ALA B 413 -14.35 1.04 -7.85
N GLU B 414 -13.65 1.74 -6.95
CA GLU B 414 -12.26 2.07 -7.23
C GLU B 414 -11.29 1.05 -6.66
N ALA B 415 -11.57 0.49 -5.51
CA ALA B 415 -10.65 -0.45 -4.88
C ALA B 415 -11.34 -1.79 -4.58
N PRO B 416 -12.01 -2.43 -5.54
CA PRO B 416 -12.77 -3.64 -5.19
C PRO B 416 -11.90 -4.78 -4.69
N ASN B 417 -10.64 -4.87 -5.12
CA ASN B 417 -9.82 -6.00 -4.72
C ASN B 417 -9.05 -5.73 -3.45
N SER B 418 -9.44 -4.72 -2.69
CA SER B 418 -8.87 -4.54 -1.37
C SER B 418 -9.14 -5.80 -0.53
N ASN B 419 -8.26 -6.03 0.44
CA ASN B 419 -8.36 -7.19 1.29
C ASN B 419 -7.63 -6.93 2.60
N VAL B 420 -7.99 -7.70 3.62
CA VAL B 420 -7.29 -7.73 4.91
C VAL B 420 -6.97 -9.18 5.21
N ILE B 421 -5.83 -9.42 5.86
CA ILE B 421 -5.42 -10.76 6.26
C ILE B 421 -5.18 -10.75 7.76
N PHE B 422 -6.02 -11.49 8.49
CA PHE B 422 -5.80 -11.80 9.90
C PHE B 422 -5.13 -13.17 9.99
N SER B 423 -4.08 -13.27 10.83
CA SER B 423 -3.33 -14.51 10.96
C SER B 423 -2.68 -14.61 12.34
N ASN B 424 -2.23 -15.82 12.66
CA ASN B 424 -1.40 -16.12 13.82
C ASN B 424 -2.01 -15.61 15.11
N ILE B 425 -3.23 -16.06 15.38
CA ILE B 425 -3.94 -15.65 16.58
C ILE B 425 -3.35 -16.36 17.80
N ARG B 426 -3.07 -15.58 18.84
CA ARG B 426 -2.50 -16.10 20.08
C ARG B 426 -3.27 -15.56 21.28
N PHE B 427 -3.58 -16.43 22.24
CA PHE B 427 -4.37 -16.03 23.40
C PHE B 427 -3.85 -16.71 24.65
N GLY B 428 -3.69 -15.94 25.71
CA GLY B 428 -3.20 -16.48 26.95
C GLY B 428 -3.11 -15.41 28.01
N PRO B 429 -2.39 -15.69 29.08
CA PRO B 429 -2.21 -14.71 30.14
C PRO B 429 -1.29 -13.58 29.70
N ILE B 430 -1.19 -12.56 30.57
CA ILE B 430 -0.40 -11.38 30.23
C ILE B 430 1.05 -11.79 30.01
N GLY B 431 1.62 -11.31 28.90
CA GLY B 431 3.00 -11.60 28.55
C GLY B 431 3.22 -12.93 27.88
N SER B 432 2.19 -13.74 27.69
CA SER B 432 2.36 -15.10 27.23
C SER B 432 2.39 -15.25 25.72
N THR B 433 1.87 -14.28 24.97
CA THR B 433 1.71 -14.46 23.52
C THR B 433 2.93 -14.02 22.70
N VAL B 434 3.78 -13.15 23.24
CA VAL B 434 4.97 -12.67 22.56
C VAL B 434 6.12 -12.57 23.56
N SER B 435 7.32 -12.96 23.12
CA SER B 435 8.46 -13.00 24.02
C SER B 435 8.89 -11.61 24.42
N GLY B 436 9.19 -11.46 25.71
CA GLY B 436 9.75 -10.24 26.24
C GLY B 436 8.79 -9.06 26.34
N LEU B 437 7.48 -9.29 26.29
CA LEU B 437 6.57 -8.20 26.52
C LEU B 437 6.59 -7.82 28.01
N PRO B 438 6.37 -6.55 28.33
CA PRO B 438 6.03 -6.20 29.71
C PRO B 438 4.81 -7.00 30.16
N ASP B 439 4.99 -7.75 31.26
CA ASP B 439 3.91 -8.53 31.86
C ASP B 439 3.60 -8.10 33.30
N GLY B 440 4.22 -7.04 33.80
CA GLY B 440 3.90 -6.50 35.12
C GLY B 440 5.04 -6.53 36.12
#